data_1P2C
#
_entry.id   1P2C
#
_cell.length_a   44.660
_cell.length_b   73.750
_cell.length_c   83.780
_cell.angle_alpha   66.59
_cell.angle_beta   74.74
_cell.angle_gamma   85.44
#
_symmetry.space_group_name_H-M   'P 1'
#
loop_
_entity.id
_entity.type
_entity.pdbx_description
1 polymer 'light chain anti-lysozyme antibody F10.6.6'
2 polymer 'heavy chain VH+CH1 anti-lysozyme antibody F10.6.6'
3 polymer 'Lysozyme C'
4 water water
#
loop_
_entity_poly.entity_id
_entity_poly.type
_entity_poly.pdbx_seq_one_letter_code
_entity_poly.pdbx_strand_id
1 'polypeptide(L)'
;DIELTQSPATLSVTPGDSVSLSCRASQSISNNLHWYQQKSHESPRLLIKYTSQSMSGIPSRFSGSGSGTDFTLSINSVET
EDFGVYFCQQSGSWPRTFGGGTKLDIKRADAAPTVSIFPPSSEQLTSGGASVVCFLNNFYPKDINVKWKIDGSERQNGVL
NSWTDQDSKDSTYSMSSTLTLTKDEYERHNSYTCEATHKTSTSPIVKSFNRN
;
A,D
2 'polypeptide(L)'
;EVQLQESGAELMKPGASVKISCKATGYTFTTYWIEWIKQRPGHSLEWIGEILPGSDSTYYNEKVKGKVTFTADASSNTAY
MQLSSLTSEDSAVYYCARGDGFYVYWGQGTTLTVSSASTTPPSVYPLAPGSAAQTNSMVTLGCLVKGYFPEPVTVTWNSG
SLSSGVHTFPAVLQSDLYTLSSSVTVPSSPWPSETVTCNVAHPASSTKVDKKIVPRDC
;
B,E
3 'polypeptide(L)'
;KVFGRCELAAAMKRHGLDNYRGYSLGNWVCAAKFESNFNTQATNRNTDGSTDYGILQINSRWWCNDGRTPGSRNLCNIPC
SALLSSDITASVNCAKKIVSDGNGMNAWVAWRNRCKGTDVQAWIRGCRL
;
C,F
#
# COMPACT_ATOMS: atom_id res chain seq x y z
N ASP A 1 -48.60 37.50 7.92
CA ASP A 1 -47.61 37.66 9.01
C ASP A 1 -46.59 38.72 8.63
N ILE A 2 -45.99 39.33 9.63
CA ILE A 2 -44.97 40.33 9.39
C ILE A 2 -43.70 39.53 9.13
N GLU A 3 -43.06 39.79 7.98
CA GLU A 3 -41.84 39.09 7.61
C GLU A 3 -40.60 39.89 7.98
N LEU A 4 -39.70 39.28 8.74
CA LEU A 4 -38.46 39.98 9.12
C LEU A 4 -37.32 39.40 8.29
N THR A 5 -36.74 40.24 7.45
CA THR A 5 -35.63 39.83 6.61
C THR A 5 -34.33 40.33 7.23
N GLN A 6 -33.46 39.39 7.59
CA GLN A 6 -32.18 39.72 8.20
C GLN A 6 -31.05 39.64 7.17
N SER A 7 -30.23 40.69 7.15
CA SER A 7 -29.12 40.79 6.21
C SER A 7 -27.85 41.26 6.93
N PRO A 8 -26.70 40.61 6.66
CA PRO A 8 -26.53 39.47 5.76
C PRO A 8 -26.75 38.21 6.57
N ALA A 9 -26.60 37.05 5.95
CA ALA A 9 -26.81 35.78 6.64
C ALA A 9 -25.63 35.35 7.52
N THR A 10 -24.42 35.77 7.17
CA THR A 10 -23.22 35.43 7.95
C THR A 10 -22.28 36.62 7.99
N LEU A 11 -21.37 36.61 8.95
CA LEU A 11 -20.40 37.69 9.10
C LEU A 11 -19.09 37.20 9.69
N SER A 12 -17.97 37.62 9.10
CA SER A 12 -16.65 37.25 9.59
C SER A 12 -15.99 38.55 10.03
N VAL A 13 -15.69 38.67 11.33
CA VAL A 13 -15.09 39.89 11.85
C VAL A 13 -13.87 39.71 12.74
N THR A 14 -12.89 40.60 12.59
CA THR A 14 -11.67 40.56 13.39
C THR A 14 -11.95 41.20 14.74
N PRO A 15 -11.44 40.60 15.83
CA PRO A 15 -11.66 41.15 17.16
C PRO A 15 -11.32 42.63 17.17
N GLY A 16 -12.07 43.41 17.93
CA GLY A 16 -11.81 44.84 18.01
C GLY A 16 -12.56 45.65 16.95
N ASP A 17 -12.98 45.01 15.88
CA ASP A 17 -13.73 45.71 14.84
C ASP A 17 -15.18 45.84 15.27
N SER A 18 -15.87 46.81 14.70
CA SER A 18 -17.27 47.05 15.03
C SER A 18 -18.10 46.71 13.81
N VAL A 19 -19.24 46.06 14.01
CA VAL A 19 -20.09 45.69 12.89
C VAL A 19 -21.57 45.99 13.10
N SER A 20 -22.35 45.87 12.03
CA SER A 20 -23.79 46.12 12.08
C SER A 20 -24.57 44.97 11.44
N LEU A 21 -25.75 44.70 12.01
CA LEU A 21 -26.63 43.65 11.49
C LEU A 21 -27.95 44.32 11.12
N SER A 22 -28.55 43.89 10.01
CA SER A 22 -29.81 44.48 9.57
C SER A 22 -31.03 43.57 9.67
N CYS A 23 -32.16 44.17 10.02
CA CYS A 23 -33.43 43.46 10.12
C CYS A 23 -34.48 44.42 9.59
N ARG A 24 -35.15 44.03 8.51
CA ARG A 24 -36.19 44.86 7.91
C ARG A 24 -37.53 44.14 7.96
N ALA A 25 -38.56 44.87 8.39
CA ALA A 25 -39.91 44.32 8.53
C ALA A 25 -40.81 44.62 7.33
N SER A 26 -41.62 43.64 6.92
CA SER A 26 -42.52 43.80 5.78
C SER A 26 -43.58 44.88 5.99
N GLN A 27 -43.78 45.28 7.24
CA GLN A 27 -44.73 46.32 7.57
C GLN A 27 -44.32 46.92 8.91
N SER A 28 -44.69 48.18 9.13
CA SER A 28 -44.35 48.89 10.36
C SER A 28 -44.67 48.14 11.64
N ILE A 29 -43.71 48.11 12.55
CA ILE A 29 -43.91 47.46 13.84
C ILE A 29 -43.46 48.42 14.93
N SER A 30 -43.40 49.70 14.56
CA SER A 30 -42.99 50.76 15.49
C SER A 30 -41.64 50.36 16.11
N ASN A 31 -41.52 50.36 17.44
CA ASN A 31 -40.26 49.98 18.06
C ASN A 31 -40.35 48.60 18.73
N ASN A 32 -41.35 47.82 18.32
CA ASN A 32 -41.56 46.49 18.88
C ASN A 32 -40.67 45.44 18.22
N LEU A 33 -39.37 45.64 18.32
CA LEU A 33 -38.41 44.70 17.74
C LEU A 33 -37.33 44.41 18.76
N HIS A 34 -36.97 43.14 18.87
CA HIS A 34 -35.96 42.71 19.84
C HIS A 34 -34.85 41.87 19.21
N TRP A 35 -33.66 41.93 19.79
CA TRP A 35 -32.50 41.19 19.29
C TRP A 35 -31.99 40.13 20.25
N TYR A 36 -31.54 39.01 19.70
CA TYR A 36 -31.04 37.89 20.50
C TYR A 36 -29.74 37.33 19.97
N GLN A 37 -29.03 36.65 20.86
CA GLN A 37 -27.79 35.97 20.54
C GLN A 37 -28.01 34.52 20.95
N GLN A 38 -27.72 33.58 20.05
CA GLN A 38 -27.88 32.18 20.42
C GLN A 38 -26.66 31.33 20.10
N LYS A 39 -26.17 30.64 21.13
CA LYS A 39 -25.02 29.74 20.99
C LYS A 39 -25.58 28.37 20.63
N SER A 40 -24.72 27.47 20.16
CA SER A 40 -25.19 26.14 19.80
C SER A 40 -25.65 25.37 21.05
N HIS A 41 -26.78 24.69 20.89
CA HIS A 41 -27.38 23.89 21.97
C HIS A 41 -27.82 24.69 23.20
N GLU A 42 -28.00 26.00 23.02
CA GLU A 42 -28.44 26.87 24.10
C GLU A 42 -29.69 27.63 23.70
N SER A 43 -30.39 28.17 24.69
CA SER A 43 -31.59 28.97 24.46
C SER A 43 -31.17 30.37 24.05
N PRO A 44 -31.96 31.05 23.21
CA PRO A 44 -31.57 32.40 22.81
C PRO A 44 -31.47 33.29 24.05
N ARG A 45 -30.54 34.24 24.00
CA ARG A 45 -30.34 35.17 25.10
C ARG A 45 -30.75 36.55 24.59
N LEU A 46 -31.64 37.22 25.32
CA LEU A 46 -32.08 38.56 24.93
C LEU A 46 -30.94 39.55 25.12
N LEU A 47 -30.70 40.39 24.10
CA LEU A 47 -29.63 41.37 24.16
C LEU A 47 -30.18 42.79 24.18
N ILE A 48 -31.09 43.06 23.25
CA ILE A 48 -31.70 44.36 23.08
C ILE A 48 -33.21 44.25 23.03
N LYS A 49 -33.90 45.08 23.81
CA LYS A 49 -35.34 45.06 23.80
C LYS A 49 -35.94 46.37 23.28
N TYR A 50 -37.11 46.25 22.67
CA TYR A 50 -37.79 47.42 22.10
C TYR A 50 -36.89 48.33 21.30
N THR A 51 -36.22 47.74 20.30
CA THR A 51 -35.33 48.46 19.39
C THR A 51 -33.99 48.97 19.92
N SER A 52 -34.01 49.62 21.06
CA SER A 52 -32.78 50.21 21.60
C SER A 52 -32.52 50.01 23.09
N GLN A 53 -33.46 49.41 23.81
CA GLN A 53 -33.27 49.19 25.25
C GLN A 53 -32.35 48.01 25.52
N SER A 54 -31.14 48.28 26.00
CA SER A 54 -30.21 47.21 26.28
C SER A 54 -30.64 46.41 27.51
N MET A 55 -30.75 45.09 27.34
CA MET A 55 -31.14 44.20 28.43
C MET A 55 -30.10 44.40 29.53
N SER A 56 -30.53 44.35 30.79
CA SER A 56 -29.62 44.54 31.91
C SER A 56 -28.57 43.43 31.97
N GLY A 57 -27.34 43.79 32.33
CA GLY A 57 -26.28 42.81 32.43
C GLY A 57 -25.58 42.48 31.12
N ILE A 58 -26.07 43.04 30.02
CA ILE A 58 -25.50 42.81 28.70
C ILE A 58 -24.34 43.77 28.42
N PRO A 59 -23.27 43.30 27.77
CA PRO A 59 -22.12 44.13 27.45
C PRO A 59 -22.52 45.43 26.76
N SER A 60 -21.87 46.53 27.13
CA SER A 60 -22.15 47.84 26.57
C SER A 60 -21.88 47.92 25.06
N ARG A 61 -21.11 46.96 24.54
CA ARG A 61 -20.75 46.94 23.13
C ARG A 61 -21.93 46.67 22.20
N PHE A 62 -23.08 46.32 22.78
CA PHE A 62 -24.26 46.04 21.98
C PHE A 62 -25.21 47.23 21.95
N SER A 63 -25.54 47.71 20.75
CA SER A 63 -26.44 48.84 20.62
C SER A 63 -27.51 48.54 19.57
N GLY A 64 -28.69 49.12 19.76
CA GLY A 64 -29.75 48.90 18.81
C GLY A 64 -30.35 50.23 18.37
N SER A 65 -30.83 50.28 17.12
CA SER A 65 -31.43 51.49 16.60
C SER A 65 -32.41 51.13 15.48
N GLY A 66 -33.10 52.15 14.97
CA GLY A 66 -34.06 51.93 13.90
C GLY A 66 -35.46 52.28 14.35
N SER A 67 -36.42 52.14 13.45
CA SER A 67 -37.82 52.43 13.75
C SER A 67 -38.69 52.12 12.56
N GLY A 68 -39.89 51.62 12.82
CA GLY A 68 -40.80 51.31 11.75
C GLY A 68 -40.56 49.97 11.07
N THR A 69 -39.71 49.98 10.04
CA THR A 69 -39.44 48.76 9.30
C THR A 69 -37.95 48.46 9.10
N ASP A 70 -37.08 49.38 9.49
CA ASP A 70 -35.64 49.15 9.31
C ASP A 70 -34.93 49.26 10.66
N PHE A 71 -34.35 48.13 11.10
CA PHE A 71 -33.66 48.09 12.38
C PHE A 71 -32.22 47.65 12.23
N THR A 72 -31.39 48.04 13.19
CA THR A 72 -29.98 47.72 13.15
C THR A 72 -29.46 47.28 14.51
N LEU A 73 -28.64 46.23 14.54
CA LEU A 73 -28.01 45.78 15.78
C LEU A 73 -26.53 46.07 15.59
N SER A 74 -25.96 46.83 16.52
CA SER A 74 -24.54 47.17 16.42
C SER A 74 -23.73 46.42 17.46
N ILE A 75 -22.67 45.77 16.99
CA ILE A 75 -21.78 45.06 17.88
C ILE A 75 -20.45 45.79 17.75
N ASN A 76 -20.12 46.56 18.78
CA ASN A 76 -18.89 47.33 18.75
C ASN A 76 -17.77 46.59 19.46
N SER A 77 -16.55 46.72 18.95
CA SER A 77 -15.38 46.07 19.53
C SER A 77 -15.61 44.58 19.72
N VAL A 78 -16.05 43.90 18.66
CA VAL A 78 -16.31 42.47 18.71
C VAL A 78 -15.23 41.72 19.47
N GLU A 79 -15.64 40.71 20.23
CA GLU A 79 -14.73 39.89 21.01
C GLU A 79 -14.91 38.46 20.56
N THR A 80 -13.92 37.60 20.82
CA THR A 80 -13.99 36.21 20.40
C THR A 80 -15.23 35.48 20.91
N GLU A 81 -15.68 35.84 22.11
CA GLU A 81 -16.85 35.21 22.72
C GLU A 81 -18.15 35.58 22.02
N ASP A 82 -18.07 36.50 21.06
CA ASP A 82 -19.26 36.96 20.34
C ASP A 82 -19.69 36.08 19.17
N PHE A 83 -18.97 34.99 18.90
CA PHE A 83 -19.36 34.12 17.80
C PHE A 83 -20.73 33.52 18.12
N GLY A 84 -21.52 33.24 17.10
CA GLY A 84 -22.84 32.67 17.32
C GLY A 84 -23.85 33.24 16.33
N VAL A 85 -25.14 32.97 16.55
CA VAL A 85 -26.18 33.46 15.67
C VAL A 85 -27.01 34.53 16.37
N TYR A 86 -27.33 35.60 15.63
CA TYR A 86 -28.15 36.69 16.16
C TYR A 86 -29.47 36.77 15.43
N PHE A 87 -30.56 37.02 16.17
CA PHE A 87 -31.89 37.10 15.57
C PHE A 87 -32.63 38.34 16.04
N CYS A 88 -33.58 38.77 15.23
CA CYS A 88 -34.45 39.88 15.58
C CYS A 88 -35.83 39.25 15.62
N GLN A 89 -36.71 39.76 16.47
CA GLN A 89 -38.07 39.26 16.59
C GLN A 89 -39.01 40.40 16.91
N GLN A 90 -40.14 40.46 16.23
CA GLN A 90 -41.12 41.52 16.46
C GLN A 90 -42.25 41.02 17.33
N SER A 91 -42.74 41.90 18.19
CA SER A 91 -43.81 41.57 19.11
C SER A 91 -45.00 42.50 18.87
N GLY A 92 -44.97 43.20 17.74
CA GLY A 92 -46.04 44.12 17.44
C GLY A 92 -47.34 43.37 17.17
N SER A 93 -47.23 42.29 16.40
CA SER A 93 -48.39 41.50 16.03
C SER A 93 -48.25 40.03 16.37
N TRP A 94 -49.31 39.29 16.07
CA TRP A 94 -49.38 37.85 16.28
C TRP A 94 -49.75 37.26 14.93
N PRO A 95 -49.08 36.16 14.53
CA PRO A 95 -48.02 35.49 15.30
C PRO A 95 -46.78 36.33 15.43
N ARG A 96 -46.00 36.08 16.47
CA ARG A 96 -44.75 36.81 16.60
C ARG A 96 -43.92 36.14 15.50
N THR A 97 -43.01 36.88 14.91
CA THR A 97 -42.16 36.31 13.86
C THR A 97 -40.70 36.67 14.14
N PHE A 98 -39.80 35.83 13.65
CA PHE A 98 -38.37 36.00 13.84
C PHE A 98 -37.63 36.18 12.53
N GLY A 99 -36.49 36.87 12.60
CA GLY A 99 -35.66 37.06 11.43
C GLY A 99 -34.94 35.74 11.19
N GLY A 100 -34.44 35.52 9.97
CA GLY A 100 -33.76 34.28 9.64
C GLY A 100 -32.40 34.08 10.28
N GLY A 101 -31.94 35.07 11.04
CA GLY A 101 -30.66 34.97 11.71
C GLY A 101 -29.40 35.35 10.93
N THR A 102 -28.40 35.84 11.66
CA THR A 102 -27.11 36.23 11.10
C THR A 102 -26.04 35.53 11.93
N LYS A 103 -25.29 34.62 11.31
CA LYS A 103 -24.24 33.87 12.00
C LYS A 103 -22.94 34.66 11.98
N LEU A 104 -22.44 34.99 13.17
CA LEU A 104 -21.20 35.74 13.28
C LEU A 104 -20.03 34.85 13.67
N ASP A 105 -18.98 34.87 12.85
CA ASP A 105 -17.78 34.08 13.12
C ASP A 105 -16.60 35.04 13.34
N ILE A 106 -15.63 34.60 14.13
CA ILE A 106 -14.46 35.42 14.42
C ILE A 106 -13.32 35.23 13.42
N LYS A 107 -12.83 36.34 12.88
CA LYS A 107 -11.73 36.31 11.91
C LYS A 107 -10.43 36.19 12.70
N ARG A 108 -9.64 35.19 12.38
CA ARG A 108 -8.38 34.94 13.06
C ARG A 108 -7.30 34.65 12.02
N ALA A 109 -6.04 34.62 12.44
CA ALA A 109 -4.94 34.34 11.52
C ALA A 109 -4.99 32.91 10.98
N ASP A 110 -4.65 32.74 9.71
CA ASP A 110 -4.65 31.41 9.09
C ASP A 110 -3.81 30.44 9.91
N ALA A 111 -4.28 29.20 10.03
CA ALA A 111 -3.53 28.22 10.79
C ALA A 111 -3.75 26.82 10.23
N ALA A 112 -2.65 26.09 10.00
CA ALA A 112 -2.74 24.75 9.45
C ALA A 112 -3.25 23.80 10.52
N PRO A 113 -3.93 22.73 10.10
CA PRO A 113 -4.47 21.76 11.07
C PRO A 113 -3.41 20.82 11.60
N THR A 114 -3.65 20.27 12.78
CA THR A 114 -2.74 19.27 13.35
C THR A 114 -3.49 18.00 12.99
N VAL A 115 -2.90 17.18 12.11
CA VAL A 115 -3.54 15.97 11.64
C VAL A 115 -3.10 14.67 12.30
N SER A 116 -4.05 13.84 12.69
CA SER A 116 -3.77 12.55 13.33
C SER A 116 -4.62 11.44 12.70
N ILE A 117 -4.00 10.29 12.43
CA ILE A 117 -4.75 9.19 11.82
C ILE A 117 -4.79 7.99 12.76
N PHE A 118 -5.88 7.24 12.71
CA PHE A 118 -6.06 6.09 13.59
C PHE A 118 -6.61 4.87 12.91
N PRO A 119 -5.98 3.71 13.11
CA PRO A 119 -6.46 2.48 12.48
C PRO A 119 -7.67 1.96 13.28
N PRO A 120 -8.44 1.05 12.68
CA PRO A 120 -9.60 0.54 13.44
C PRO A 120 -9.12 -0.21 14.69
N SER A 121 -9.95 -0.21 15.73
CA SER A 121 -9.64 -0.86 16.99
C SER A 121 -9.82 -2.38 16.93
N SER A 122 -9.17 -3.08 17.85
CA SER A 122 -9.31 -4.53 17.90
C SER A 122 -10.78 -4.89 18.11
N GLU A 123 -11.45 -4.12 18.97
CA GLU A 123 -12.86 -4.39 19.24
C GLU A 123 -13.73 -4.28 17.99
N GLN A 124 -13.54 -3.25 17.17
CA GLN A 124 -14.34 -3.11 15.97
C GLN A 124 -14.00 -4.24 15.00
N LEU A 125 -12.72 -4.56 14.90
CA LEU A 125 -12.27 -5.64 14.02
C LEU A 125 -12.91 -6.96 14.40
N THR A 126 -12.91 -7.24 15.70
CA THR A 126 -13.50 -8.47 16.20
C THR A 126 -14.97 -8.56 15.86
N SER A 127 -15.61 -7.39 15.70
CA SER A 127 -17.03 -7.31 15.38
C SER A 127 -17.33 -7.44 13.88
N GLY A 128 -16.30 -7.41 13.05
CA GLY A 128 -16.51 -7.54 11.62
C GLY A 128 -16.39 -6.23 10.85
N GLY A 129 -16.19 -5.13 11.56
CA GLY A 129 -16.07 -3.84 10.91
C GLY A 129 -14.69 -3.21 10.99
N ALA A 130 -14.51 -2.08 10.32
CA ALA A 130 -13.24 -1.37 10.32
C ALA A 130 -13.42 0.08 9.89
N SER A 131 -13.17 1.00 10.82
CA SER A 131 -13.26 2.43 10.55
C SER A 131 -11.89 3.05 10.77
N VAL A 132 -11.50 3.95 9.87
CA VAL A 132 -10.22 4.62 9.98
C VAL A 132 -10.64 6.05 10.27
N VAL A 133 -10.04 6.67 11.28
CA VAL A 133 -10.43 8.01 11.63
C VAL A 133 -9.29 8.99 11.47
N CYS A 134 -9.63 10.20 11.02
CA CYS A 134 -8.63 11.25 10.85
C CYS A 134 -9.14 12.52 11.51
N PHE A 135 -8.33 13.08 12.41
CA PHE A 135 -8.68 14.32 13.07
C PHE A 135 -7.82 15.43 12.49
N LEU A 136 -8.45 16.54 12.11
CA LEU A 136 -7.75 17.70 11.59
C LEU A 136 -8.14 18.76 12.60
N ASN A 137 -7.27 18.98 13.58
CA ASN A 137 -7.59 19.92 14.62
C ASN A 137 -6.96 21.29 14.61
N ASN A 138 -7.70 22.23 15.21
CA ASN A 138 -7.32 23.62 15.39
C ASN A 138 -6.74 24.35 14.19
N PHE A 139 -7.56 24.50 13.14
CA PHE A 139 -7.12 25.22 11.95
C PHE A 139 -8.04 26.40 11.65
N TYR A 140 -7.63 27.21 10.68
CA TYR A 140 -8.42 28.37 10.26
C TYR A 140 -7.87 28.83 8.92
N PRO A 141 -8.75 29.16 7.96
CA PRO A 141 -10.22 29.13 8.01
C PRO A 141 -10.86 27.74 8.00
N LYS A 142 -12.20 27.72 8.18
CA LYS A 142 -12.98 26.49 8.22
C LYS A 142 -12.85 25.61 6.98
N ASP A 143 -12.85 26.23 5.81
CA ASP A 143 -12.73 25.50 4.55
C ASP A 143 -11.49 24.62 4.51
N ILE A 144 -11.70 23.34 4.21
CA ILE A 144 -10.61 22.38 4.12
C ILE A 144 -11.07 21.17 3.31
N ASN A 145 -10.13 20.59 2.56
CA ASN A 145 -10.40 19.43 1.73
C ASN A 145 -9.66 18.22 2.31
N VAL A 146 -10.37 17.10 2.44
CA VAL A 146 -9.78 15.89 2.99
C VAL A 146 -9.94 14.73 2.02
N LYS A 147 -8.82 14.11 1.65
CA LYS A 147 -8.88 12.97 0.74
C LYS A 147 -8.29 11.72 1.37
N TRP A 148 -9.04 10.63 1.27
CA TRP A 148 -8.61 9.35 1.79
C TRP A 148 -8.06 8.51 0.65
N LYS A 149 -7.01 7.76 0.94
CA LYS A 149 -6.44 6.89 -0.07
C LYS A 149 -6.08 5.55 0.54
N ILE A 150 -6.37 4.48 -0.19
CA ILE A 150 -6.06 3.14 0.26
C ILE A 150 -5.09 2.56 -0.78
N ASP A 151 -3.88 2.26 -0.32
CA ASP A 151 -2.85 1.73 -1.20
C ASP A 151 -2.71 2.62 -2.44
N GLY A 152 -2.66 3.93 -2.21
CA GLY A 152 -2.52 4.87 -3.29
C GLY A 152 -3.76 5.10 -4.13
N SER A 153 -4.89 4.55 -3.71
CA SER A 153 -6.14 4.71 -4.46
C SER A 153 -7.13 5.61 -3.72
N GLU A 154 -7.69 6.58 -4.42
CA GLU A 154 -8.65 7.50 -3.81
C GLU A 154 -9.95 6.79 -3.44
N ARG A 155 -10.47 7.11 -2.25
CA ARG A 155 -11.72 6.54 -1.80
C ARG A 155 -12.63 7.68 -1.36
N GLN A 156 -13.69 7.91 -2.13
CA GLN A 156 -14.64 8.97 -1.82
C GLN A 156 -15.90 8.43 -1.15
N ASN A 157 -16.09 7.13 -1.22
CA ASN A 157 -17.29 6.51 -0.63
C ASN A 157 -17.08 5.98 0.78
N GLY A 158 -18.10 6.15 1.62
CA GLY A 158 -18.04 5.68 2.99
C GLY A 158 -17.32 6.63 3.94
N VAL A 159 -17.31 7.92 3.59
CA VAL A 159 -16.66 8.93 4.40
C VAL A 159 -17.64 9.82 5.14
N LEU A 160 -17.43 9.98 6.44
CA LEU A 160 -18.29 10.81 7.27
C LEU A 160 -17.43 11.92 7.88
N ASN A 161 -17.79 13.17 7.58
CA ASN A 161 -17.04 14.31 8.09
C ASN A 161 -17.87 15.15 9.06
N SER A 162 -17.20 15.72 10.06
CA SER A 162 -17.86 16.56 11.03
C SER A 162 -16.94 17.68 11.50
N TRP A 163 -17.49 18.89 11.55
CA TRP A 163 -16.77 20.08 11.98
C TRP A 163 -17.28 20.57 13.33
N THR A 164 -16.39 21.06 14.18
CA THR A 164 -16.80 21.59 15.46
C THR A 164 -17.20 23.04 15.23
N ASP A 165 -17.90 23.64 16.20
CA ASP A 165 -18.27 25.04 16.10
C ASP A 165 -16.95 25.78 16.33
N GLN A 166 -16.91 27.09 16.11
CA GLN A 166 -15.67 27.82 16.30
C GLN A 166 -15.26 27.79 17.78
N ASP A 167 -13.96 27.60 18.04
CA ASP A 167 -13.50 27.55 19.42
C ASP A 167 -13.62 28.93 20.05
N SER A 168 -14.24 29.00 21.23
CA SER A 168 -14.42 30.27 21.91
C SER A 168 -13.08 30.78 22.41
N LYS A 169 -12.11 29.87 22.53
CA LYS A 169 -10.79 30.24 22.99
C LYS A 169 -9.89 30.79 21.88
N ASP A 170 -9.43 29.91 20.99
CA ASP A 170 -8.53 30.33 19.91
C ASP A 170 -9.18 30.64 18.58
N SER A 171 -10.51 30.55 18.50
CA SER A 171 -11.23 30.84 17.28
C SER A 171 -10.93 29.89 16.12
N THR A 172 -10.35 28.73 16.42
CA THR A 172 -10.06 27.78 15.35
C THR A 172 -11.24 26.83 15.17
N TYR A 173 -11.11 25.99 14.15
CA TYR A 173 -12.11 24.98 13.83
C TYR A 173 -11.37 23.65 13.84
N SER A 174 -12.12 22.57 14.03
CA SER A 174 -11.56 21.24 14.02
C SER A 174 -12.51 20.40 13.20
N MET A 175 -12.01 19.32 12.62
CA MET A 175 -12.81 18.44 11.79
C MET A 175 -12.40 16.98 11.97
N SER A 176 -13.39 16.10 11.91
CA SER A 176 -13.15 14.67 12.05
C SER A 176 -13.63 14.02 10.77
N SER A 177 -12.83 13.11 10.24
CA SER A 177 -13.18 12.41 9.02
C SER A 177 -13.07 10.91 9.29
N THR A 178 -14.13 10.18 8.97
CA THR A 178 -14.14 8.75 9.22
C THR A 178 -14.45 7.93 7.98
N LEU A 179 -13.52 7.04 7.63
CA LEU A 179 -13.71 6.16 6.49
C LEU A 179 -14.09 4.80 7.06
N THR A 180 -15.24 4.27 6.64
CA THR A 180 -15.66 2.97 7.15
C THR A 180 -15.74 1.92 6.04
N LEU A 181 -15.19 0.74 6.33
CA LEU A 181 -15.21 -0.37 5.39
C LEU A 181 -15.40 -1.65 6.17
N THR A 182 -15.37 -2.78 5.46
CA THR A 182 -15.52 -4.09 6.09
C THR A 182 -14.17 -4.58 6.57
N LYS A 183 -14.19 -5.53 7.50
CA LYS A 183 -12.96 -6.11 8.02
C LYS A 183 -12.19 -6.72 6.85
N ASP A 184 -12.91 -7.42 5.97
CA ASP A 184 -12.28 -8.06 4.82
C ASP A 184 -11.61 -7.09 3.87
N GLU A 185 -12.28 -6.01 3.51
CA GLU A 185 -11.67 -5.03 2.62
C GLU A 185 -10.47 -4.40 3.31
N TYR A 186 -10.63 -4.05 4.58
CA TYR A 186 -9.55 -3.46 5.34
C TYR A 186 -8.33 -4.40 5.44
N GLU A 187 -8.62 -5.69 5.63
CA GLU A 187 -7.57 -6.70 5.76
C GLU A 187 -6.88 -7.02 4.44
N ARG A 188 -7.49 -6.60 3.33
CA ARG A 188 -6.95 -6.82 1.99
C ARG A 188 -5.92 -5.77 1.54
N HIS A 189 -5.86 -4.65 2.24
CA HIS A 189 -4.93 -3.59 1.88
C HIS A 189 -3.96 -3.24 3.00
N ASN A 190 -2.88 -2.54 2.68
CA ASN A 190 -1.89 -2.23 3.70
C ASN A 190 -1.70 -0.77 4.09
N SER A 191 -1.74 0.14 3.12
CA SER A 191 -1.51 1.55 3.42
C SER A 191 -2.79 2.39 3.48
N TYR A 192 -2.95 3.11 4.58
CA TYR A 192 -4.12 3.97 4.76
C TYR A 192 -3.66 5.39 4.98
N THR A 193 -4.07 6.27 4.07
CA THR A 193 -3.65 7.65 4.12
C THR A 193 -4.75 8.69 4.17
N CYS A 194 -4.50 9.73 4.96
CA CYS A 194 -5.41 10.84 5.13
C CYS A 194 -4.64 12.09 4.68
N GLU A 195 -5.08 12.69 3.58
CA GLU A 195 -4.44 13.88 3.02
C GLU A 195 -5.29 15.14 3.18
N ALA A 196 -4.76 16.12 3.89
CA ALA A 196 -5.47 17.38 4.13
C ALA A 196 -4.87 18.55 3.34
N THR A 197 -5.72 19.16 2.52
CA THR A 197 -5.31 20.31 1.71
C THR A 197 -6.00 21.54 2.29
N HIS A 198 -5.20 22.45 2.81
CA HIS A 198 -5.70 23.68 3.42
C HIS A 198 -4.99 24.86 2.75
N LYS A 199 -5.62 26.04 2.77
CA LYS A 199 -5.05 27.21 2.13
C LYS A 199 -3.72 27.67 2.70
N THR A 200 -3.32 27.12 3.85
CA THR A 200 -2.05 27.52 4.46
C THR A 200 -0.85 26.96 3.72
N SER A 201 -1.10 26.11 2.72
CA SER A 201 -0.02 25.51 1.93
C SER A 201 -0.54 24.79 0.70
N THR A 202 0.14 24.96 -0.43
CA THR A 202 -0.30 24.30 -1.65
C THR A 202 0.04 22.81 -1.67
N SER A 203 0.77 22.34 -0.66
CA SER A 203 1.10 20.93 -0.57
C SER A 203 0.28 20.38 0.61
N PRO A 204 -0.43 19.28 0.40
CA PRO A 204 -1.26 18.67 1.46
C PRO A 204 -0.51 18.05 2.64
N ILE A 205 -1.15 18.07 3.78
CA ILE A 205 -0.58 17.47 4.98
C ILE A 205 -1.02 16.01 4.89
N VAL A 206 -0.04 15.11 4.88
CA VAL A 206 -0.33 13.70 4.75
C VAL A 206 0.02 12.89 5.99
N LYS A 207 -0.92 12.09 6.48
CA LYS A 207 -0.70 11.23 7.64
C LYS A 207 -1.09 9.82 7.21
N SER A 208 -0.31 8.83 7.62
CA SER A 208 -0.61 7.46 7.20
C SER A 208 -0.17 6.40 8.19
N PHE A 209 -0.57 5.17 7.91
CA PHE A 209 -0.17 4.04 8.71
C PHE A 209 -0.33 2.81 7.83
N ASN A 210 0.49 1.79 8.07
CA ASN A 210 0.43 0.57 7.30
C ASN A 210 0.04 -0.57 8.24
N ARG A 211 -0.95 -1.36 7.85
CA ARG A 211 -1.41 -2.47 8.68
C ARG A 211 -0.26 -3.30 9.23
N ASN A 212 0.74 -3.55 8.39
CA ASN A 212 1.90 -4.34 8.77
C ASN A 212 2.95 -3.48 9.46
N GLU B 1 -34.53 35.14 38.93
CA GLU B 1 -35.21 34.13 39.79
C GLU B 1 -36.32 33.39 39.03
N VAL B 2 -36.76 33.98 37.92
CA VAL B 2 -37.79 33.35 37.09
C VAL B 2 -37.11 32.18 36.39
N GLN B 3 -37.76 31.03 36.37
CA GLN B 3 -37.17 29.86 35.71
C GLN B 3 -38.22 29.00 35.05
N LEU B 4 -37.87 28.49 33.87
CA LEU B 4 -38.75 27.61 33.10
C LEU B 4 -38.02 26.30 32.85
N GLN B 5 -38.57 25.21 33.37
CA GLN B 5 -37.95 23.91 33.20
C GLN B 5 -38.81 23.00 32.33
N GLU B 6 -38.23 22.55 31.21
CA GLU B 6 -38.95 21.71 30.27
C GLU B 6 -38.62 20.23 30.42
N SER B 7 -39.46 19.38 29.83
CA SER B 7 -39.27 17.93 29.87
C SER B 7 -38.10 17.54 28.95
N GLY B 8 -37.64 16.29 29.08
CA GLY B 8 -36.50 15.82 28.29
C GLY B 8 -36.73 15.49 26.83
N ALA B 9 -35.64 15.09 26.16
CA ALA B 9 -35.68 14.72 24.76
C ALA B 9 -36.68 13.59 24.54
N GLU B 10 -37.44 13.67 23.46
CA GLU B 10 -38.45 12.67 23.12
C GLU B 10 -38.26 12.04 21.75
N LEU B 11 -38.63 10.76 21.65
CA LEU B 11 -38.56 10.01 20.40
C LEU B 11 -39.91 9.32 20.25
N MET B 12 -40.57 9.57 19.13
CA MET B 12 -41.86 8.95 18.86
C MET B 12 -41.92 8.58 17.40
N LYS B 13 -42.79 7.65 17.06
CA LYS B 13 -42.96 7.23 15.68
C LYS B 13 -44.01 8.13 15.03
N PRO B 14 -44.03 8.18 13.70
CA PRO B 14 -45.05 9.04 13.07
C PRO B 14 -46.46 8.56 13.42
N GLY B 15 -47.41 9.49 13.40
CA GLY B 15 -48.78 9.15 13.72
C GLY B 15 -49.07 9.27 15.20
N ALA B 16 -48.03 9.15 16.01
CA ALA B 16 -48.17 9.24 17.45
C ALA B 16 -48.24 10.70 17.86
N SER B 17 -48.29 10.93 19.16
CA SER B 17 -48.35 12.29 19.66
C SER B 17 -47.44 12.37 20.88
N VAL B 18 -47.07 13.58 21.26
CA VAL B 18 -46.21 13.77 22.41
C VAL B 18 -46.70 14.98 23.20
N LYS B 19 -46.33 15.05 24.46
CA LYS B 19 -46.72 16.15 25.31
C LYS B 19 -45.48 16.68 26.01
N ILE B 20 -45.14 17.92 25.70
CA ILE B 20 -43.97 18.54 26.29
C ILE B 20 -44.44 19.44 27.41
N SER B 21 -43.67 19.48 28.50
CA SER B 21 -44.06 20.30 29.63
C SER B 21 -43.10 21.46 29.88
N CYS B 22 -43.63 22.50 30.48
CA CYS B 22 -42.87 23.70 30.80
C CYS B 22 -43.33 24.13 32.18
N LYS B 23 -42.50 23.90 33.19
CA LYS B 23 -42.82 24.27 34.56
C LYS B 23 -42.15 25.61 34.83
N ALA B 24 -42.93 26.63 35.16
CA ALA B 24 -42.39 27.97 35.41
C ALA B 24 -42.57 28.45 36.83
N THR B 25 -41.51 29.03 37.40
CA THR B 25 -41.57 29.54 38.77
C THR B 25 -40.84 30.87 38.94
N GLY B 26 -41.05 31.52 40.08
CA GLY B 26 -40.41 32.79 40.33
C GLY B 26 -41.27 34.00 40.02
N TYR B 27 -42.50 33.75 39.57
CA TYR B 27 -43.43 34.84 39.27
C TYR B 27 -44.88 34.35 39.33
N THR B 28 -45.82 35.29 39.25
CA THR B 28 -47.25 34.96 39.29
C THR B 28 -47.63 34.25 37.98
N PHE B 29 -47.72 32.93 38.07
CA PHE B 29 -48.02 32.05 36.95
C PHE B 29 -49.28 32.34 36.13
N THR B 30 -50.32 32.86 36.76
CA THR B 30 -51.57 33.14 36.04
C THR B 30 -51.64 34.50 35.36
N THR B 31 -50.61 35.32 35.51
CA THR B 31 -50.62 36.64 34.92
C THR B 31 -49.96 36.72 33.53
N TYR B 32 -48.89 35.97 33.32
CA TYR B 32 -48.18 35.99 32.04
C TYR B 32 -48.50 34.87 31.07
N TRP B 33 -48.49 35.20 29.78
CA TRP B 33 -48.72 34.22 28.73
C TRP B 33 -47.45 33.35 28.65
N ILE B 34 -47.60 32.12 28.20
CA ILE B 34 -46.47 31.21 28.00
C ILE B 34 -46.52 31.01 26.50
N GLU B 35 -45.44 31.32 25.81
CA GLU B 35 -45.44 31.20 24.36
C GLU B 35 -44.52 30.09 23.89
N TRP B 36 -44.96 29.39 22.84
CA TRP B 36 -44.20 28.27 22.31
C TRP B 36 -43.56 28.54 20.96
N ILE B 37 -42.29 28.17 20.86
CA ILE B 37 -41.50 28.40 19.65
C ILE B 37 -40.80 27.13 19.17
N LYS B 38 -40.84 26.90 17.87
CA LYS B 38 -40.22 25.74 17.26
C LYS B 38 -38.99 26.15 16.47
N GLN B 39 -37.90 25.41 16.64
CA GLN B 39 -36.66 25.71 15.93
C GLN B 39 -36.09 24.47 15.24
N ARG B 40 -35.81 24.62 13.96
CA ARG B 40 -35.23 23.53 13.18
C ARG B 40 -34.01 24.03 12.44
N PRO B 41 -33.05 23.13 12.17
CA PRO B 41 -31.85 23.55 11.46
C PRO B 41 -32.24 23.98 10.05
N GLY B 42 -31.61 25.05 9.56
CA GLY B 42 -31.93 25.52 8.22
C GLY B 42 -33.32 26.08 8.17
N HIS B 43 -33.82 26.50 9.34
CA HIS B 43 -35.15 27.07 9.43
C HIS B 43 -35.17 28.17 10.47
N SER B 44 -35.97 29.20 10.22
CA SER B 44 -36.07 30.31 11.13
C SER B 44 -36.98 29.93 12.30
N LEU B 45 -36.71 30.50 13.47
CA LEU B 45 -37.53 30.25 14.65
C LEU B 45 -38.99 30.52 14.29
N GLU B 46 -39.87 29.59 14.67
CA GLU B 46 -41.30 29.71 14.38
C GLU B 46 -42.18 29.76 15.62
N TRP B 47 -43.04 30.76 15.71
CA TRP B 47 -43.96 30.91 16.82
C TRP B 47 -45.12 29.94 16.62
N ILE B 48 -45.32 29.03 17.57
CA ILE B 48 -46.38 28.03 17.49
C ILE B 48 -47.71 28.50 18.07
N GLY B 49 -47.66 29.16 19.22
CA GLY B 49 -48.88 29.62 19.85
C GLY B 49 -48.64 30.05 21.29
N GLU B 50 -49.72 30.32 22.01
CA GLU B 50 -49.60 30.77 23.39
C GLU B 50 -50.79 30.36 24.26
N ILE B 51 -50.58 30.37 25.57
CA ILE B 51 -51.62 30.01 26.53
C ILE B 51 -51.44 30.86 27.78
N LEU B 52 -52.56 31.32 28.35
CA LEU B 52 -52.51 32.12 29.57
C LEU B 52 -52.91 31.17 30.69
N PRO B 53 -51.90 30.57 31.35
CA PRO B 53 -52.08 29.62 32.45
C PRO B 53 -53.24 29.86 33.41
N GLY B 54 -54.17 28.92 33.47
CA GLY B 54 -55.28 29.02 34.40
C GLY B 54 -56.52 29.76 33.94
N SER B 55 -56.43 30.46 32.80
CA SER B 55 -57.56 31.21 32.28
C SER B 55 -58.29 30.44 31.19
N ASP B 56 -57.67 29.35 30.73
CA ASP B 56 -58.21 28.54 29.66
C ASP B 56 -58.11 29.25 28.31
N SER B 57 -57.32 30.32 28.27
CA SER B 57 -57.18 31.09 27.04
C SER B 57 -55.97 30.66 26.21
N THR B 58 -56.20 30.41 24.93
CA THR B 58 -55.14 29.98 24.01
C THR B 58 -55.26 30.68 22.64
N TYR B 59 -54.20 30.54 21.86
CA TYR B 59 -54.13 31.11 20.52
C TYR B 59 -53.10 30.31 19.75
N TYR B 60 -53.48 29.84 18.56
CA TYR B 60 -52.61 29.02 17.73
C TYR B 60 -52.25 29.67 16.40
N ASN B 61 -51.15 29.20 15.81
CA ASN B 61 -50.69 29.68 14.51
C ASN B 61 -50.82 28.45 13.62
N GLU B 62 -52.01 28.30 13.03
CA GLU B 62 -52.35 27.16 12.18
C GLU B 62 -51.26 26.29 11.58
N LYS B 63 -50.12 26.86 11.22
CA LYS B 63 -49.04 26.04 10.66
C LYS B 63 -49.01 24.80 11.54
N VAL B 64 -49.46 25.00 12.78
CA VAL B 64 -49.56 23.97 13.79
C VAL B 64 -50.72 24.31 14.74
N LYS B 65 -51.94 24.08 14.27
CA LYS B 65 -53.15 24.35 15.05
C LYS B 65 -54.02 23.12 15.20
N GLY B 66 -54.32 22.47 14.08
CA GLY B 66 -55.13 21.27 14.13
C GLY B 66 -54.35 20.16 14.82
N LYS B 67 -53.04 20.37 14.97
CA LYS B 67 -52.19 19.38 15.60
C LYS B 67 -51.54 19.82 16.92
N VAL B 68 -51.75 21.07 17.32
CA VAL B 68 -51.19 21.57 18.57
C VAL B 68 -52.28 21.84 19.60
N THR B 69 -52.03 21.46 20.85
CA THR B 69 -53.00 21.69 21.91
C THR B 69 -52.30 22.10 23.20
N PHE B 70 -52.60 23.32 23.67
CA PHE B 70 -52.01 23.80 24.90
C PHE B 70 -52.94 23.54 26.07
N THR B 71 -52.37 23.28 27.24
CA THR B 71 -53.12 23.05 28.48
C THR B 71 -52.18 23.47 29.59
N ALA B 72 -52.72 23.68 30.78
CA ALA B 72 -51.89 24.07 31.91
C ALA B 72 -52.47 23.58 33.22
N ASP B 73 -51.58 23.31 34.17
CA ASP B 73 -51.97 22.85 35.50
C ASP B 73 -51.50 23.92 36.49
N ALA B 74 -52.37 24.85 36.82
CA ALA B 74 -52.01 25.93 37.74
C ALA B 74 -51.51 25.42 39.09
N SER B 75 -51.99 24.26 39.53
CA SER B 75 -51.56 23.72 40.83
C SER B 75 -50.09 23.30 40.88
N SER B 76 -49.41 23.30 39.74
CA SER B 76 -47.99 22.92 39.72
C SER B 76 -47.17 23.84 38.81
N ASN B 77 -47.77 24.98 38.45
CA ASN B 77 -47.14 25.96 37.57
C ASN B 77 -46.56 25.31 36.31
N THR B 78 -47.32 24.42 35.70
CA THR B 78 -46.86 23.75 34.49
C THR B 78 -47.78 23.95 33.30
N ALA B 79 -47.19 24.27 32.16
CA ALA B 79 -47.93 24.46 30.91
C ALA B 79 -47.55 23.29 30.00
N TYR B 80 -48.47 22.84 29.17
CA TYR B 80 -48.17 21.72 28.28
C TYR B 80 -48.52 21.99 26.83
N MET B 81 -47.72 21.43 25.94
CA MET B 81 -47.93 21.56 24.52
C MET B 81 -48.02 20.16 23.95
N GLN B 82 -49.17 19.82 23.35
CA GLN B 82 -49.35 18.50 22.77
C GLN B 82 -49.36 18.58 21.24
N LEU B 83 -48.54 17.75 20.61
CA LEU B 83 -48.45 17.68 19.16
C LEU B 83 -48.99 16.32 18.74
N SER B 84 -49.97 16.30 17.83
CA SER B 84 -50.57 15.05 17.38
C SER B 84 -50.26 14.71 15.94
N SER B 85 -50.44 13.44 15.60
CA SER B 85 -50.20 12.96 14.25
C SER B 85 -48.84 13.41 13.76
N LEU B 86 -47.82 13.15 14.57
CA LEU B 86 -46.45 13.53 14.28
C LEU B 86 -45.91 12.96 12.97
N THR B 87 -45.06 13.77 12.33
CA THR B 87 -44.40 13.42 11.09
C THR B 87 -42.99 13.99 11.24
N SER B 88 -42.07 13.62 10.33
CA SER B 88 -40.70 14.11 10.43
C SER B 88 -40.58 15.64 10.43
N GLU B 89 -41.57 16.33 9.89
CA GLU B 89 -41.54 17.79 9.85
C GLU B 89 -41.65 18.36 11.26
N ASP B 90 -42.13 17.55 12.20
CA ASP B 90 -42.29 17.96 13.58
C ASP B 90 -40.99 17.82 14.37
N SER B 91 -40.02 17.13 13.77
CA SER B 91 -38.72 16.94 14.41
C SER B 91 -38.05 18.29 14.60
N ALA B 92 -37.81 18.66 15.85
CA ALA B 92 -37.21 19.95 16.13
C ALA B 92 -37.04 20.15 17.63
N VAL B 93 -36.49 21.30 17.97
CA VAL B 93 -36.32 21.67 19.36
C VAL B 93 -37.45 22.64 19.66
N TYR B 94 -38.18 22.39 20.74
CA TYR B 94 -39.29 23.27 21.10
C TYR B 94 -38.97 24.00 22.39
N TYR B 95 -39.28 25.29 22.40
CA TYR B 95 -39.04 26.15 23.55
C TYR B 95 -40.35 26.74 24.06
N CYS B 96 -40.39 27.03 25.35
CA CYS B 96 -41.52 27.72 25.93
C CYS B 96 -40.82 28.95 26.44
N ALA B 97 -41.55 30.06 26.53
CA ALA B 97 -40.96 31.30 27.00
C ALA B 97 -42.05 32.13 27.64
N ARG B 98 -41.71 32.94 28.63
CA ARG B 98 -42.73 33.78 29.24
C ARG B 98 -42.98 34.97 28.29
N GLY B 99 -44.24 35.37 28.17
CA GLY B 99 -44.57 36.47 27.30
C GLY B 99 -44.28 37.83 27.92
N ASP B 100 -43.20 38.46 27.47
CA ASP B 100 -42.79 39.78 27.97
C ASP B 100 -42.65 40.71 26.76
N GLY B 101 -43.35 40.38 25.68
CA GLY B 101 -43.26 41.16 24.45
C GLY B 101 -42.03 40.55 23.84
N PHE B 102 -40.90 40.84 24.46
CA PHE B 102 -39.62 40.27 24.08
C PHE B 102 -39.58 38.99 24.92
N TYR B 103 -38.61 38.12 24.67
CA TYR B 103 -38.48 36.89 25.44
C TYR B 103 -37.18 36.91 26.26
N VAL B 104 -37.29 37.19 27.55
CA VAL B 104 -36.12 37.22 28.42
C VAL B 104 -35.91 35.87 29.13
N TYR B 105 -37.00 35.20 29.51
CA TYR B 105 -36.92 33.90 30.21
C TYR B 105 -37.35 32.75 29.30
N TRP B 106 -36.40 31.89 28.96
CA TRP B 106 -36.65 30.75 28.08
C TRP B 106 -36.48 29.43 28.82
N GLY B 107 -37.23 28.43 28.41
CA GLY B 107 -37.07 27.11 29.01
C GLY B 107 -35.81 26.64 28.31
N GLN B 108 -35.23 25.52 28.74
CA GLN B 108 -33.99 25.05 28.13
C GLN B 108 -34.23 24.37 26.78
N GLY B 109 -35.48 24.13 26.45
CA GLY B 109 -35.81 23.50 25.17
C GLY B 109 -35.92 21.98 25.23
N THR B 110 -36.82 21.42 24.44
CA THR B 110 -37.01 19.98 24.41
C THR B 110 -36.88 19.51 22.98
N THR B 111 -36.01 18.54 22.75
CA THR B 111 -35.81 18.02 21.41
C THR B 111 -36.67 16.82 21.13
N LEU B 112 -37.49 16.95 20.10
CA LEU B 112 -38.38 15.88 19.67
C LEU B 112 -37.80 15.26 18.40
N THR B 113 -37.75 13.93 18.37
CA THR B 113 -37.27 13.22 17.21
C THR B 113 -38.41 12.32 16.77
N VAL B 114 -38.91 12.56 15.56
CA VAL B 114 -40.01 11.76 15.04
C VAL B 114 -39.39 10.84 13.99
N SER B 115 -39.39 9.54 14.26
CA SER B 115 -38.80 8.57 13.35
C SER B 115 -39.38 7.17 13.55
N SER B 116 -39.24 6.33 12.53
CA SER B 116 -39.73 4.97 12.58
C SER B 116 -38.57 4.08 13.04
N ALA B 117 -37.40 4.68 13.20
CA ALA B 117 -36.20 3.96 13.63
C ALA B 117 -36.29 3.62 15.11
N SER B 118 -35.59 2.56 15.50
CA SER B 118 -35.63 2.12 16.88
C SER B 118 -34.42 2.62 17.67
N THR B 119 -34.58 2.73 18.99
CA THR B 119 -33.49 3.17 19.85
C THR B 119 -32.40 2.11 19.78
N THR B 120 -31.15 2.57 19.63
CA THR B 120 -30.02 1.66 19.52
C THR B 120 -28.82 2.20 20.32
N PRO B 121 -28.19 1.35 21.14
CA PRO B 121 -27.06 1.83 21.92
C PRO B 121 -25.85 2.04 21.00
N PRO B 122 -24.94 2.95 21.36
CA PRO B 122 -23.79 3.14 20.48
C PRO B 122 -22.72 2.10 20.72
N SER B 123 -21.85 1.90 19.74
CA SER B 123 -20.71 0.99 19.88
C SER B 123 -19.56 1.98 20.10
N VAL B 124 -18.83 1.80 21.20
CA VAL B 124 -17.74 2.71 21.53
C VAL B 124 -16.39 2.05 21.26
N TYR B 125 -15.61 2.67 20.37
CA TYR B 125 -14.31 2.14 20.00
C TYR B 125 -13.19 3.12 20.33
N PRO B 126 -12.09 2.60 20.91
CA PRO B 126 -10.93 3.42 21.27
C PRO B 126 -10.10 3.78 20.05
N LEU B 127 -9.60 5.00 20.03
CA LEU B 127 -8.77 5.45 18.92
C LEU B 127 -7.36 5.68 19.48
N ALA B 128 -6.45 4.76 19.18
CA ALA B 128 -5.07 4.87 19.64
C ALA B 128 -4.13 4.86 18.44
N PRO B 129 -2.99 5.57 18.53
CA PRO B 129 -2.02 5.64 17.43
C PRO B 129 -1.48 4.29 16.97
N GLY B 130 -1.15 4.23 15.69
CA GLY B 130 -0.62 3.01 15.10
C GLY B 130 0.90 2.96 15.06
N SER B 137 5.92 15.27 19.55
CA SER B 137 4.88 16.28 19.86
C SER B 137 3.85 15.68 20.81
N MET B 138 2.78 16.43 21.06
CA MET B 138 1.73 15.94 21.94
C MET B 138 1.07 14.72 21.31
N VAL B 139 0.31 13.99 22.09
CA VAL B 139 -0.37 12.82 21.56
C VAL B 139 -1.87 13.01 21.55
N THR B 140 -2.51 12.64 20.44
CA THR B 140 -3.96 12.76 20.36
C THR B 140 -4.60 11.38 20.36
N LEU B 141 -5.59 11.20 21.24
CA LEU B 141 -6.33 9.95 21.34
C LEU B 141 -7.78 10.32 21.05
N GLY B 142 -8.65 9.33 21.01
CA GLY B 142 -10.05 9.62 20.77
C GLY B 142 -10.96 8.43 20.94
N CYS B 143 -12.23 8.65 20.68
CA CYS B 143 -13.20 7.59 20.75
C CYS B 143 -14.21 7.78 19.63
N LEU B 144 -14.58 6.66 19.03
CA LEU B 144 -15.56 6.61 17.96
C LEU B 144 -16.82 6.02 18.61
N VAL B 145 -17.90 6.78 18.57
CA VAL B 145 -19.19 6.38 19.15
C VAL B 145 -20.09 6.25 17.93
N LYS B 146 -20.29 5.02 17.45
CA LYS B 146 -21.07 4.85 16.23
C LYS B 146 -22.33 4.01 16.25
N GLY B 147 -23.18 4.27 15.27
CA GLY B 147 -24.42 3.53 15.11
C GLY B 147 -25.44 3.60 16.23
N TYR B 148 -25.72 4.79 16.73
CA TYR B 148 -26.71 4.91 17.79
C TYR B 148 -27.91 5.75 17.33
N PHE B 149 -28.99 5.66 18.08
CA PHE B 149 -30.21 6.39 17.79
C PHE B 149 -31.09 6.36 19.02
N PRO B 150 -31.69 7.48 19.39
CA PRO B 150 -31.59 8.77 18.71
C PRO B 150 -30.52 9.58 19.43
N GLU B 151 -30.48 10.88 19.18
CA GLU B 151 -29.56 11.78 19.86
C GLU B 151 -30.23 12.03 21.21
N PRO B 152 -29.48 12.47 22.22
CA PRO B 152 -28.04 12.74 22.13
C PRO B 152 -27.21 11.72 22.90
N VAL B 153 -25.91 11.96 22.87
CA VAL B 153 -24.91 11.17 23.57
C VAL B 153 -24.03 12.20 24.26
N THR B 154 -23.43 11.86 25.40
CA THR B 154 -22.52 12.78 26.08
C THR B 154 -21.18 12.07 26.21
N VAL B 155 -20.10 12.81 25.99
CA VAL B 155 -18.76 12.25 26.07
C VAL B 155 -17.84 13.10 26.97
N THR B 156 -17.20 12.47 27.94
CA THR B 156 -16.24 13.17 28.79
C THR B 156 -14.98 12.31 28.78
N TRP B 157 -13.88 12.86 29.30
CA TRP B 157 -12.62 12.14 29.35
C TRP B 157 -12.11 12.09 30.78
N ASN B 158 -11.73 10.89 31.23
CA ASN B 158 -11.26 10.68 32.59
C ASN B 158 -12.23 11.31 33.57
N SER B 159 -13.52 11.05 33.31
CA SER B 159 -14.61 11.55 34.13
C SER B 159 -14.55 13.03 34.42
N GLY B 160 -14.16 13.83 33.43
CA GLY B 160 -14.11 15.27 33.62
C GLY B 160 -12.74 15.82 33.96
N SER B 161 -11.83 14.94 34.33
CA SER B 161 -10.47 15.35 34.69
C SER B 161 -9.70 15.90 33.49
N LEU B 162 -10.06 15.47 32.29
CA LEU B 162 -9.42 15.98 31.08
C LEU B 162 -10.50 16.74 30.33
N SER B 163 -10.36 18.06 30.24
CA SER B 163 -11.36 18.90 29.57
C SER B 163 -10.77 19.82 28.51
N SER B 164 -9.58 20.36 28.79
CA SER B 164 -8.96 21.25 27.84
C SER B 164 -8.38 20.34 26.74
N GLY B 165 -8.23 20.86 25.54
CA GLY B 165 -7.67 20.02 24.50
C GLY B 165 -8.57 18.88 24.05
N VAL B 166 -9.88 19.03 24.28
CA VAL B 166 -10.85 18.02 23.87
C VAL B 166 -11.69 18.57 22.72
N HIS B 167 -12.01 17.70 21.77
CA HIS B 167 -12.85 18.11 20.65
C HIS B 167 -13.89 17.01 20.44
N THR B 168 -15.13 17.30 20.81
CA THR B 168 -16.19 16.31 20.62
C THR B 168 -17.00 16.82 19.43
N PHE B 169 -16.93 16.08 18.34
CA PHE B 169 -17.58 16.43 17.08
C PHE B 169 -19.09 16.18 16.99
N PRO B 170 -19.83 17.13 16.39
CA PRO B 170 -21.28 16.97 16.24
C PRO B 170 -21.56 15.65 15.54
N ALA B 171 -22.56 14.94 16.02
CA ALA B 171 -22.94 13.66 15.42
C ALA B 171 -23.44 13.87 13.99
N VAL B 172 -23.22 12.87 13.13
CA VAL B 172 -23.67 12.94 11.75
C VAL B 172 -24.60 11.76 11.51
N LEU B 173 -25.80 12.04 10.99
CA LEU B 173 -26.77 10.99 10.72
C LEU B 173 -26.44 10.34 9.38
N GLN B 174 -25.93 9.11 9.44
CA GLN B 174 -25.58 8.35 8.23
C GLN B 174 -26.36 7.05 8.18
N SER B 175 -27.13 6.87 7.12
CA SER B 175 -27.90 5.65 6.97
C SER B 175 -28.74 5.36 8.21
N ASP B 176 -29.50 6.35 8.65
CA ASP B 176 -30.39 6.22 9.79
C ASP B 176 -29.79 5.89 11.15
N LEU B 177 -28.50 6.13 11.31
CA LEU B 177 -27.83 5.89 12.58
C LEU B 177 -26.83 7.02 12.76
N TYR B 178 -26.69 7.47 14.00
CA TYR B 178 -25.77 8.56 14.30
C TYR B 178 -24.39 8.03 14.65
N THR B 179 -23.38 8.77 14.22
CA THR B 179 -22.00 8.45 14.51
C THR B 179 -21.33 9.73 14.96
N LEU B 180 -20.55 9.62 16.03
CA LEU B 180 -19.86 10.78 16.57
C LEU B 180 -18.47 10.36 16.99
N SER B 181 -17.57 11.33 17.12
CA SER B 181 -16.21 11.03 17.55
C SER B 181 -15.77 12.16 18.47
N SER B 182 -14.75 11.88 19.26
CA SER B 182 -14.21 12.86 20.19
C SER B 182 -12.72 12.57 20.35
N SER B 183 -11.91 13.62 20.32
CA SER B 183 -10.47 13.45 20.48
C SER B 183 -10.02 14.26 21.68
N VAL B 184 -8.90 13.84 22.26
CA VAL B 184 -8.32 14.55 23.38
C VAL B 184 -6.83 14.53 23.09
N THR B 185 -6.18 15.66 23.31
CA THR B 185 -4.75 15.76 23.05
C THR B 185 -4.06 16.01 24.38
N VAL B 186 -3.11 15.16 24.72
CA VAL B 186 -2.39 15.28 25.98
C VAL B 186 -0.90 15.19 25.72
N PRO B 187 -0.08 15.64 26.69
CA PRO B 187 1.36 15.58 26.50
C PRO B 187 1.79 14.13 26.29
N SER B 188 2.94 13.94 25.65
CA SER B 188 3.46 12.60 25.41
C SER B 188 3.79 11.96 26.76
N SER B 189 3.89 12.81 27.78
CA SER B 189 4.20 12.39 29.15
C SER B 189 3.04 11.68 29.87
N PRO B 190 1.78 12.14 29.67
CA PRO B 190 0.61 11.54 30.31
C PRO B 190 0.12 10.20 29.76
N TRP B 191 0.25 9.96 28.46
CA TRP B 191 -0.20 8.71 27.86
C TRP B 191 0.90 8.17 26.97
N PRO B 192 1.16 6.85 27.00
CA PRO B 192 0.55 5.76 27.76
C PRO B 192 0.93 5.60 29.23
N SER B 193 1.73 6.51 29.78
CA SER B 193 2.14 6.40 31.18
C SER B 193 0.92 6.29 32.10
N GLU B 194 -0.17 6.91 31.68
CA GLU B 194 -1.41 6.88 32.44
C GLU B 194 -2.57 6.55 31.51
N THR B 195 -3.54 5.81 32.04
CA THR B 195 -4.69 5.44 31.25
C THR B 195 -5.55 6.66 30.98
N VAL B 196 -6.16 6.68 29.80
CA VAL B 196 -7.05 7.74 29.38
C VAL B 196 -8.33 6.97 29.03
N THR B 197 -9.45 7.44 29.55
CA THR B 197 -10.72 6.77 29.33
C THR B 197 -11.78 7.74 28.83
N CYS B 198 -12.54 7.35 27.81
CA CYS B 198 -13.60 8.22 27.35
C CYS B 198 -14.89 7.67 27.96
N ASN B 199 -15.68 8.55 28.56
CA ASN B 199 -16.93 8.14 29.20
C ASN B 199 -18.09 8.48 28.28
N VAL B 200 -18.76 7.45 27.77
CA VAL B 200 -19.86 7.66 26.84
C VAL B 200 -21.20 7.26 27.44
N ALA B 201 -22.16 8.17 27.40
CA ALA B 201 -23.49 7.88 27.93
C ALA B 201 -24.53 8.18 26.86
N HIS B 202 -25.48 7.26 26.72
CA HIS B 202 -26.57 7.39 25.75
C HIS B 202 -27.83 7.09 26.57
N PRO B 203 -28.45 8.13 27.17
CA PRO B 203 -29.65 7.95 27.98
C PRO B 203 -30.87 7.26 27.38
N ALA B 204 -31.10 7.40 26.07
CA ALA B 204 -32.26 6.76 25.45
C ALA B 204 -32.20 5.24 25.61
N SER B 205 -30.99 4.69 25.55
CA SER B 205 -30.81 3.25 25.70
C SER B 205 -30.24 2.92 27.09
N SER B 206 -30.17 3.93 27.95
CA SER B 206 -29.64 3.76 29.31
C SER B 206 -28.26 3.11 29.26
N THR B 207 -27.47 3.53 28.30
CA THR B 207 -26.13 2.99 28.11
C THR B 207 -25.07 3.92 28.67
N LYS B 208 -24.13 3.32 29.40
CA LYS B 208 -23.03 4.07 29.99
C LYS B 208 -21.79 3.21 29.76
N VAL B 209 -20.81 3.76 29.04
CA VAL B 209 -19.58 3.05 28.72
C VAL B 209 -18.31 3.84 29.08
N ASP B 210 -17.38 3.18 29.75
CA ASP B 210 -16.11 3.80 30.12
C ASP B 210 -15.03 3.06 29.34
N LYS B 211 -14.74 3.56 28.16
CA LYS B 211 -13.75 2.95 27.27
C LYS B 211 -12.34 3.45 27.55
N LYS B 212 -11.47 2.52 27.92
CA LYS B 212 -10.08 2.85 28.21
C LYS B 212 -9.26 2.79 26.93
N ILE B 213 -8.30 3.70 26.82
CA ILE B 213 -7.42 3.75 25.66
C ILE B 213 -6.07 3.23 26.13
N VAL B 214 -5.68 2.07 25.62
CA VAL B 214 -4.39 1.49 25.97
C VAL B 214 -3.59 1.23 24.71
N PRO B 215 -2.26 1.22 24.83
CA PRO B 215 -1.37 0.98 23.68
C PRO B 215 -1.77 -0.23 22.86
N ARG B 216 -1.53 -0.15 21.55
CA ARG B 216 -1.86 -1.25 20.65
C ARG B 216 -0.66 -2.18 20.56
N LYS C 1 -67.35 31.30 28.95
CA LYS C 1 -68.83 31.19 28.92
C LYS C 1 -69.46 32.15 27.92
N VAL C 2 -70.41 31.63 27.15
CA VAL C 2 -71.12 32.45 26.17
C VAL C 2 -72.47 32.80 26.79
N PHE C 3 -72.59 34.06 27.22
CA PHE C 3 -73.80 34.56 27.85
C PHE C 3 -74.97 34.64 26.88
N GLY C 4 -76.18 34.65 27.43
CA GLY C 4 -77.37 34.79 26.63
C GLY C 4 -77.68 36.28 26.70
N ARG C 5 -78.36 36.82 25.69
CA ARG C 5 -78.67 38.24 25.68
C ARG C 5 -79.35 38.69 26.97
N CYS C 6 -80.50 38.09 27.27
CA CYS C 6 -81.24 38.44 28.47
C CYS C 6 -80.51 38.06 29.75
N GLU C 7 -79.71 36.99 29.69
CA GLU C 7 -78.95 36.56 30.86
C GLU C 7 -77.93 37.64 31.23
N LEU C 8 -77.22 38.14 30.21
CA LEU C 8 -76.21 39.16 30.42
C LEU C 8 -76.85 40.48 30.83
N ALA C 9 -77.97 40.82 30.22
CA ALA C 9 -78.67 42.07 30.55
C ALA C 9 -78.99 42.05 32.02
N ALA C 10 -79.54 40.93 32.49
CA ALA C 10 -79.90 40.79 33.88
C ALA C 10 -78.68 40.90 34.77
N ALA C 11 -77.59 40.24 34.38
CA ALA C 11 -76.36 40.28 35.15
C ALA C 11 -75.77 41.68 35.18
N MET C 12 -75.82 42.37 34.05
CA MET C 12 -75.29 43.73 33.98
C MET C 12 -76.16 44.68 34.80
N LYS C 13 -77.46 44.43 34.85
CA LYS C 13 -78.32 45.29 35.65
C LYS C 13 -77.94 45.08 37.11
N ARG C 14 -77.79 43.82 37.50
CA ARG C 14 -77.43 43.49 38.87
C ARG C 14 -76.09 44.13 39.26
N HIS C 15 -75.25 44.42 38.27
CA HIS C 15 -73.96 45.03 38.56
C HIS C 15 -73.92 46.54 38.52
N GLY C 16 -75.10 47.15 38.41
CA GLY C 16 -75.18 48.60 38.40
C GLY C 16 -74.82 49.29 37.11
N LEU C 17 -74.96 48.60 35.98
CA LEU C 17 -74.65 49.22 34.70
C LEU C 17 -75.86 49.90 34.08
N ASP C 18 -77.05 49.60 34.58
CA ASP C 18 -78.22 50.25 34.02
C ASP C 18 -78.15 51.74 34.31
N ASN C 19 -77.87 52.52 33.27
CA ASN C 19 -77.76 53.96 33.37
C ASN C 19 -76.52 54.40 34.13
N TYR C 20 -75.44 53.64 34.00
CA TYR C 20 -74.20 54.01 34.67
C TYR C 20 -73.60 55.17 33.88
N ARG C 21 -73.49 56.32 34.53
CA ARG C 21 -72.95 57.52 33.93
C ARG C 21 -73.78 57.93 32.69
N GLY C 22 -75.10 57.81 32.83
CA GLY C 22 -76.00 58.18 31.76
C GLY C 22 -76.17 57.18 30.63
N TYR C 23 -75.60 55.99 30.75
CA TYR C 23 -75.71 54.98 29.71
C TYR C 23 -76.69 53.86 30.06
N SER C 24 -77.81 53.81 29.34
CA SER C 24 -78.85 52.81 29.56
C SER C 24 -78.30 51.40 29.41
N LEU C 25 -79.02 50.43 29.99
CA LEU C 25 -78.59 49.03 29.95
C LEU C 25 -78.32 48.53 28.54
N GLY C 26 -79.21 48.89 27.61
CA GLY C 26 -79.06 48.45 26.23
C GLY C 26 -77.70 48.74 25.62
N ASN C 27 -77.08 49.87 25.98
CA ASN C 27 -75.77 50.23 25.44
C ASN C 27 -74.71 49.22 25.85
N TRP C 28 -74.77 48.76 27.10
CA TRP C 28 -73.80 47.81 27.61
C TRP C 28 -73.97 46.42 26.99
N VAL C 29 -75.22 45.96 26.87
CA VAL C 29 -75.48 44.66 26.26
C VAL C 29 -75.07 44.73 24.77
N CYS C 30 -75.39 45.84 24.12
CA CYS C 30 -75.03 46.00 22.72
C CYS C 30 -73.52 46.05 22.57
N ALA C 31 -72.85 46.73 23.50
CA ALA C 31 -71.39 46.83 23.45
C ALA C 31 -70.78 45.43 23.57
N ALA C 32 -71.28 44.65 24.52
CA ALA C 32 -70.79 43.28 24.73
C ALA C 32 -71.03 42.42 23.48
N LYS C 33 -72.16 42.64 22.83
CA LYS C 33 -72.52 41.89 21.64
C LYS C 33 -71.53 42.07 20.49
N PHE C 34 -71.14 43.31 20.21
CA PHE C 34 -70.22 43.57 19.12
C PHE C 34 -68.76 43.54 19.48
N GLU C 35 -68.44 43.65 20.77
CA GLU C 35 -67.05 43.57 21.20
C GLU C 35 -66.62 42.10 21.29
N SER C 36 -67.46 41.27 21.89
CA SER C 36 -67.12 39.85 22.09
C SER C 36 -68.20 38.83 21.77
N ASN C 37 -69.33 39.27 21.22
CA ASN C 37 -70.43 38.36 20.91
C ASN C 37 -70.87 37.58 22.15
N PHE C 38 -70.83 38.24 23.32
CA PHE C 38 -71.24 37.65 24.60
C PHE C 38 -70.33 36.54 25.15
N ASN C 39 -69.09 36.47 24.67
CA ASN C 39 -68.18 35.43 25.13
C ASN C 39 -67.13 35.96 26.12
N THR C 40 -67.26 35.56 27.38
CA THR C 40 -66.34 35.99 28.44
C THR C 40 -64.91 35.59 28.15
N GLN C 41 -64.74 34.57 27.31
CA GLN C 41 -63.43 34.05 26.97
C GLN C 41 -62.69 34.79 25.86
N ALA C 42 -63.44 35.46 24.98
CA ALA C 42 -62.86 36.18 23.85
C ALA C 42 -61.59 36.99 24.14
N THR C 43 -60.68 37.00 23.17
CA THR C 43 -59.45 37.78 23.25
C THR C 43 -59.11 38.22 21.83
N ASN C 44 -58.59 39.43 21.70
CA ASN C 44 -58.24 39.96 20.39
C ASN C 44 -56.83 40.51 20.43
N ARG C 45 -56.03 40.17 19.44
CA ARG C 45 -54.68 40.65 19.39
C ARG C 45 -54.55 41.76 18.37
N ASN C 46 -53.89 42.85 18.77
CA ASN C 46 -53.73 44.01 17.90
C ASN C 46 -52.39 44.04 17.19
N THR C 47 -51.96 45.23 16.78
CA THR C 47 -50.71 45.35 16.06
C THR C 47 -49.72 46.24 16.80
N ASP C 48 -50.09 46.65 18.01
CA ASP C 48 -49.26 47.51 18.83
C ASP C 48 -48.76 46.75 20.06
N GLY C 49 -48.81 45.43 19.97
CA GLY C 49 -48.36 44.59 21.06
C GLY C 49 -49.34 44.42 22.21
N SER C 50 -50.56 44.93 22.05
CA SER C 50 -51.58 44.83 23.10
C SER C 50 -52.61 43.78 22.77
N THR C 51 -53.32 43.31 23.79
CA THR C 51 -54.36 42.30 23.62
C THR C 51 -55.66 42.79 24.27
N ASP C 52 -56.79 42.44 23.67
CA ASP C 52 -58.10 42.82 24.22
C ASP C 52 -58.63 41.61 24.94
N TYR C 53 -59.18 41.83 26.13
CA TYR C 53 -59.65 40.74 26.95
C TYR C 53 -61.10 40.69 27.43
N GLY C 54 -61.75 39.56 27.18
CA GLY C 54 -63.09 39.35 27.68
C GLY C 54 -64.37 39.87 27.05
N ILE C 55 -65.42 39.76 27.86
CA ILE C 55 -66.78 40.14 27.53
C ILE C 55 -66.83 41.56 26.95
N LEU C 56 -66.01 42.46 27.50
CA LEU C 56 -65.98 43.83 27.01
C LEU C 56 -64.65 44.23 26.38
N GLN C 57 -63.88 43.24 25.95
CA GLN C 57 -62.60 43.47 25.27
C GLN C 57 -61.74 44.60 25.82
N ILE C 58 -61.35 44.48 27.09
CA ILE C 58 -60.53 45.49 27.73
C ILE C 58 -59.07 45.33 27.31
N ASN C 59 -58.46 46.44 26.91
CA ASN C 59 -57.08 46.50 26.41
C ASN C 59 -55.97 46.49 27.47
N SER C 60 -54.93 45.71 27.17
CA SER C 60 -53.77 45.54 28.05
C SER C 60 -52.79 46.70 28.13
N ARG C 61 -53.01 47.75 27.36
CA ARG C 61 -52.11 48.89 27.42
C ARG C 61 -52.41 49.83 28.59
N TRP C 62 -53.64 50.32 28.65
CA TRP C 62 -54.01 51.25 29.70
C TRP C 62 -54.68 50.66 30.93
N TRP C 63 -55.52 49.64 30.73
CA TRP C 63 -56.30 49.09 31.83
C TRP C 63 -55.87 47.88 32.65
N CYS C 64 -55.49 46.79 31.99
CA CYS C 64 -55.09 45.61 32.75
C CYS C 64 -53.66 45.20 32.45
N ASN C 65 -53.06 44.45 33.37
CA ASN C 65 -51.69 43.99 33.21
C ASN C 65 -51.57 42.57 32.69
N ASP C 66 -50.83 42.40 31.58
CA ASP C 66 -50.60 41.07 31.04
C ASP C 66 -49.10 40.88 30.84
N GLY C 67 -48.34 41.85 31.36
CA GLY C 67 -46.88 41.82 31.33
C GLY C 67 -46.10 41.80 30.01
N ARG C 68 -46.76 41.97 28.88
CA ARG C 68 -46.07 41.94 27.58
C ARG C 68 -46.41 43.14 26.70
N THR C 69 -47.21 44.06 27.22
CA THR C 69 -47.63 45.22 26.45
C THR C 69 -46.82 46.47 26.78
N PRO C 70 -46.25 47.13 25.76
CA PRO C 70 -45.45 48.33 26.02
C PRO C 70 -46.31 49.53 26.40
N GLY C 71 -45.77 50.38 27.25
CA GLY C 71 -46.48 51.57 27.69
C GLY C 71 -47.67 51.27 28.58
N SER C 72 -47.61 50.14 29.28
CA SER C 72 -48.70 49.72 30.15
C SER C 72 -48.92 50.63 31.35
N ARG C 73 -50.19 50.84 31.69
CA ARG C 73 -50.52 51.70 32.82
C ARG C 73 -51.30 50.93 33.88
N ASN C 74 -52.00 49.88 33.45
CA ASN C 74 -52.77 49.05 34.38
C ASN C 74 -53.63 49.93 35.29
N LEU C 75 -54.42 50.79 34.67
CA LEU C 75 -55.26 51.70 35.45
C LEU C 75 -56.38 51.02 36.23
N CYS C 76 -56.77 49.81 35.82
CA CYS C 76 -57.80 49.08 36.55
C CYS C 76 -57.15 48.24 37.64
N ASN C 77 -55.83 48.35 37.73
CA ASN C 77 -55.04 47.64 38.72
C ASN C 77 -55.45 46.17 38.87
N ILE C 78 -55.39 45.41 37.79
CA ILE C 78 -55.74 44.00 37.81
C ILE C 78 -55.15 43.26 36.62
N PRO C 79 -54.79 41.98 36.81
CA PRO C 79 -54.22 41.23 35.69
C PRO C 79 -55.32 40.99 34.63
N CYS C 80 -54.97 41.12 33.36
CA CYS C 80 -55.92 40.90 32.28
C CYS C 80 -56.58 39.54 32.37
N SER C 81 -55.87 38.57 32.93
CA SER C 81 -56.42 37.22 33.04
C SER C 81 -57.66 37.21 33.92
N ALA C 82 -57.69 38.05 34.95
CA ALA C 82 -58.84 38.12 35.84
C ALA C 82 -60.07 38.58 35.04
N LEU C 83 -59.82 39.22 33.91
CA LEU C 83 -60.90 39.72 33.09
C LEU C 83 -61.49 38.64 32.18
N LEU C 84 -60.99 37.43 32.28
CA LEU C 84 -61.51 36.33 31.47
C LEU C 84 -62.38 35.42 32.35
N SER C 85 -62.73 35.94 33.52
CA SER C 85 -63.56 35.20 34.47
C SER C 85 -64.93 34.87 33.90
N SER C 86 -65.56 33.82 34.44
CA SER C 86 -66.87 33.41 33.96
C SER C 86 -67.92 34.41 34.43
N ASP C 87 -67.71 34.98 35.61
CA ASP C 87 -68.63 35.99 36.12
C ASP C 87 -68.11 37.30 35.50
N ILE C 88 -68.97 38.31 35.38
CA ILE C 88 -68.56 39.57 34.75
C ILE C 88 -68.12 40.68 35.70
N THR C 89 -67.97 40.35 36.98
CA THR C 89 -67.59 41.35 38.00
C THR C 89 -66.35 42.17 37.68
N ALA C 90 -65.23 41.49 37.43
CA ALA C 90 -63.99 42.20 37.12
C ALA C 90 -64.10 43.11 35.91
N SER C 91 -64.70 42.60 34.83
CA SER C 91 -64.85 43.39 33.60
C SER C 91 -65.73 44.60 33.81
N VAL C 92 -66.80 44.44 34.59
CA VAL C 92 -67.71 45.54 34.87
C VAL C 92 -67.00 46.62 35.69
N ASN C 93 -66.35 46.20 36.78
CA ASN C 93 -65.65 47.14 37.64
C ASN C 93 -64.64 47.96 36.84
N CYS C 94 -63.93 47.32 35.92
CA CYS C 94 -62.94 48.01 35.11
C CYS C 94 -63.63 48.92 34.10
N ALA C 95 -64.71 48.44 33.48
CA ALA C 95 -65.45 49.22 32.51
C ALA C 95 -65.96 50.52 33.15
N LYS C 96 -66.40 50.42 34.41
CA LYS C 96 -66.89 51.60 35.12
C LYS C 96 -65.82 52.68 35.18
N LYS C 97 -64.56 52.26 35.37
CA LYS C 97 -63.46 53.21 35.42
C LYS C 97 -63.21 53.75 34.02
N ILE C 98 -63.19 52.87 33.04
CA ILE C 98 -62.94 53.28 31.66
C ILE C 98 -63.94 54.32 31.21
N VAL C 99 -65.22 54.00 31.31
CA VAL C 99 -66.28 54.91 30.91
C VAL C 99 -66.19 56.25 31.64
N SER C 100 -65.42 56.28 32.73
CA SER C 100 -65.27 57.50 33.51
C SER C 100 -63.98 58.26 33.18
N ASP C 101 -63.16 57.69 32.30
CA ASP C 101 -61.87 58.31 31.95
C ASP C 101 -61.92 59.60 31.13
N GLY C 102 -63.08 59.92 30.55
CA GLY C 102 -63.20 61.15 29.78
C GLY C 102 -63.77 61.03 28.38
N ASN C 103 -64.03 59.81 27.95
CA ASN C 103 -64.55 59.53 26.61
C ASN C 103 -65.88 58.78 26.67
N GLY C 104 -66.35 58.48 27.87
CA GLY C 104 -67.59 57.75 28.00
C GLY C 104 -67.46 56.38 27.35
N MET C 105 -68.54 55.90 26.76
CA MET C 105 -68.52 54.60 26.11
C MET C 105 -67.75 54.60 24.79
N ASN C 106 -67.35 55.79 24.35
CA ASN C 106 -66.61 55.92 23.10
C ASN C 106 -65.31 55.14 23.13
N ALA C 107 -64.85 54.80 24.32
CA ALA C 107 -63.62 54.02 24.50
C ALA C 107 -63.74 52.63 23.89
N TRP C 108 -64.97 52.23 23.55
CA TRP C 108 -65.23 50.93 22.93
C TRP C 108 -65.60 51.18 21.47
N VAL C 109 -64.63 50.99 20.57
CA VAL C 109 -64.85 51.23 19.16
C VAL C 109 -66.05 50.49 18.58
N ALA C 110 -66.25 49.24 19.00
CA ALA C 110 -67.40 48.48 18.49
C ALA C 110 -68.71 49.15 18.91
N TRP C 111 -68.75 49.68 20.11
CA TRP C 111 -69.97 50.36 20.58
C TRP C 111 -70.23 51.58 19.71
N ARG C 112 -69.18 52.36 19.49
CA ARG C 112 -69.28 53.57 18.68
C ARG C 112 -69.77 53.25 17.27
N ASN C 113 -69.18 52.21 16.68
CA ASN C 113 -69.52 51.80 15.33
C ASN C 113 -70.93 51.23 15.15
N ARG C 114 -71.31 50.31 16.04
CA ARG C 114 -72.59 49.62 15.90
C ARG C 114 -73.70 49.86 16.91
N CYS C 115 -73.42 50.56 18.00
CA CYS C 115 -74.44 50.79 19.01
C CYS C 115 -74.81 52.25 19.24
N LYS C 116 -73.80 53.10 19.35
CA LYS C 116 -74.01 54.51 19.59
C LYS C 116 -75.07 55.11 18.67
N GLY C 117 -76.08 55.72 19.27
CA GLY C 117 -77.14 56.34 18.51
C GLY C 117 -78.09 55.39 17.79
N THR C 118 -78.22 54.18 18.30
CA THR C 118 -79.15 53.23 17.69
C THR C 118 -80.17 52.86 18.74
N ASP C 119 -81.23 52.15 18.35
CA ASP C 119 -82.25 51.75 19.31
C ASP C 119 -81.70 50.62 20.17
N VAL C 120 -80.77 50.97 21.05
CA VAL C 120 -80.14 50.01 21.94
C VAL C 120 -81.09 49.31 22.91
N GLN C 121 -82.24 49.92 23.19
CA GLN C 121 -83.18 49.31 24.12
C GLN C 121 -83.63 47.97 23.55
N ALA C 122 -83.50 47.82 22.24
CA ALA C 122 -83.90 46.58 21.57
C ALA C 122 -83.14 45.37 22.10
N TRP C 123 -81.97 45.62 22.68
CA TRP C 123 -81.16 44.54 23.21
C TRP C 123 -81.68 43.96 24.52
N ILE C 124 -82.77 44.54 25.02
CA ILE C 124 -83.36 44.06 26.27
C ILE C 124 -84.88 43.95 26.18
N ARG C 125 -85.42 44.16 24.97
CA ARG C 125 -86.86 44.11 24.72
C ARG C 125 -87.64 42.94 25.32
N GLY C 126 -87.31 41.72 24.89
CA GLY C 126 -88.01 40.56 25.40
C GLY C 126 -87.34 39.93 26.60
N CYS C 127 -86.82 40.76 27.49
CA CYS C 127 -86.13 40.28 28.68
C CYS C 127 -86.86 40.58 29.97
N ARG C 128 -86.98 39.58 30.83
CA ARG C 128 -87.62 39.74 32.12
C ARG C 128 -86.55 40.25 33.07
N LEU C 129 -86.52 41.57 33.25
CA LEU C 129 -85.54 42.20 34.14
C LEU C 129 -86.18 42.75 35.41
N ASP D 1 21.58 -17.00 -32.27
CA ASP D 1 22.66 -17.04 -31.26
C ASP D 1 23.80 -16.08 -31.60
N ILE D 2 24.46 -15.58 -30.56
CA ILE D 2 25.59 -14.68 -30.75
C ILE D 2 26.82 -15.51 -31.03
N GLU D 3 27.50 -15.21 -32.13
CA GLU D 3 28.72 -15.92 -32.50
C GLU D 3 29.94 -15.09 -32.18
N LEU D 4 30.88 -15.71 -31.46
CA LEU D 4 32.11 -15.03 -31.08
C LEU D 4 33.26 -15.62 -31.88
N THR D 5 33.86 -14.78 -32.73
CA THR D 5 34.97 -15.22 -33.56
C THR D 5 36.27 -14.72 -32.95
N GLN D 6 37.14 -15.67 -32.62
CA GLN D 6 38.44 -15.37 -32.03
C GLN D 6 39.54 -15.46 -33.09
N SER D 7 40.36 -14.42 -33.17
CA SER D 7 41.46 -14.35 -34.12
C SER D 7 42.72 -13.90 -33.42
N PRO D 8 43.86 -14.56 -33.68
CA PRO D 8 44.03 -15.70 -34.59
C PRO D 8 43.79 -16.98 -33.79
N ALA D 9 43.78 -18.13 -34.46
CA ALA D 9 43.54 -19.40 -33.77
C ALA D 9 44.73 -19.87 -32.93
N THR D 10 45.94 -19.54 -33.36
CA THR D 10 47.14 -19.93 -32.62
C THR D 10 48.06 -18.73 -32.55
N LEU D 11 49.05 -18.79 -31.67
CA LEU D 11 49.97 -17.68 -31.51
C LEU D 11 51.28 -18.16 -30.88
N SER D 12 52.39 -17.67 -31.40
CA SER D 12 53.71 -18.04 -30.90
C SER D 12 54.44 -16.76 -30.47
N VAL D 13 54.83 -16.69 -29.19
CA VAL D 13 55.50 -15.49 -28.71
C VAL D 13 56.70 -15.70 -27.78
N THR D 14 57.77 -14.96 -28.04
CA THR D 14 58.98 -15.02 -27.23
C THR D 14 58.66 -14.35 -25.90
N PRO D 15 59.10 -14.93 -24.78
CA PRO D 15 58.84 -14.33 -23.48
C PRO D 15 59.29 -12.87 -23.44
N GLY D 16 58.49 -12.01 -22.81
CA GLY D 16 58.83 -10.61 -22.72
C GLY D 16 58.04 -9.79 -23.73
N ASP D 17 57.73 -10.41 -24.86
CA ASP D 17 56.96 -9.75 -25.89
C ASP D 17 55.51 -9.62 -25.47
N SER D 18 54.79 -8.74 -26.14
CA SER D 18 53.39 -8.51 -25.83
C SER D 18 52.52 -8.99 -26.98
N VAL D 19 51.31 -9.40 -26.65
CA VAL D 19 50.42 -9.89 -27.67
C VAL D 19 48.98 -9.43 -27.45
N SER D 20 48.17 -9.56 -28.49
CA SER D 20 46.77 -9.16 -28.44
C SER D 20 45.92 -10.29 -29.01
N LEU D 21 44.80 -10.57 -28.35
CA LEU D 21 43.89 -11.60 -28.81
C LEU D 21 42.55 -10.93 -29.14
N SER D 22 42.02 -11.24 -30.32
CA SER D 22 40.77 -10.65 -30.78
C SER D 22 39.55 -11.57 -30.64
N CYS D 23 38.41 -10.95 -30.33
CA CYS D 23 37.16 -11.67 -30.17
C CYS D 23 36.05 -10.75 -30.71
N ARG D 24 35.42 -11.14 -31.80
CA ARG D 24 34.36 -10.31 -32.38
C ARG D 24 33.00 -10.97 -32.33
N ALA D 25 32.05 -10.24 -31.75
CA ALA D 25 30.68 -10.72 -31.59
C ALA D 25 29.82 -10.38 -32.81
N SER D 26 28.97 -11.32 -33.20
CA SER D 26 28.08 -11.12 -34.35
C SER D 26 27.03 -10.06 -34.11
N GLN D 27 26.79 -9.73 -32.83
CA GLN D 27 25.83 -8.70 -32.47
C GLN D 27 26.24 -8.11 -31.12
N SER D 28 25.79 -6.89 -30.85
CA SER D 28 26.13 -6.18 -29.61
C SER D 28 25.88 -6.96 -28.34
N ILE D 29 26.85 -6.88 -27.43
CA ILE D 29 26.76 -7.55 -26.14
C ILE D 29 27.26 -6.58 -25.07
N SER D 30 27.33 -5.30 -25.43
CA SER D 30 27.77 -4.25 -24.52
C SER D 30 29.14 -4.60 -23.94
N ASN D 31 29.24 -4.69 -22.62
CA ASN D 31 30.52 -5.04 -21.98
C ASN D 31 30.43 -6.44 -21.36
N ASN D 32 29.42 -7.20 -21.77
CA ASN D 32 29.21 -8.54 -21.24
C ASN D 32 30.09 -9.57 -21.93
N LEU D 33 31.39 -9.41 -21.75
CA LEU D 33 32.37 -10.32 -22.35
C LEU D 33 33.42 -10.66 -21.30
N HIS D 34 33.80 -11.93 -21.25
CA HIS D 34 34.77 -12.39 -20.27
C HIS D 34 35.84 -13.24 -20.93
N TRP D 35 37.02 -13.25 -20.33
CA TRP D 35 38.14 -14.02 -20.85
C TRP D 35 38.64 -15.06 -19.87
N TYR D 36 39.03 -16.23 -20.40
CA TYR D 36 39.54 -17.34 -19.62
C TYR D 36 40.85 -17.92 -20.15
N GLN D 37 41.55 -18.61 -19.26
CA GLN D 37 42.79 -19.28 -19.62
C GLN D 37 42.56 -20.75 -19.26
N GLN D 38 42.88 -21.66 -20.18
CA GLN D 38 42.70 -23.08 -19.89
C GLN D 38 43.91 -23.92 -20.28
N LYS D 39 44.40 -24.71 -19.33
CA LYS D 39 45.52 -25.60 -19.56
C LYS D 39 44.97 -26.99 -19.81
N SER D 40 45.76 -27.85 -20.44
CA SER D 40 45.32 -29.21 -20.72
C SER D 40 44.83 -29.94 -19.46
N HIS D 41 43.72 -30.65 -19.61
CA HIS D 41 43.11 -31.42 -18.54
C HIS D 41 42.76 -30.66 -17.27
N GLU D 42 42.40 -29.39 -17.43
CA GLU D 42 42.00 -28.57 -16.29
C GLU D 42 40.80 -27.73 -16.76
N SER D 43 39.98 -27.27 -15.82
CA SER D 43 38.82 -26.46 -16.16
C SER D 43 39.28 -25.03 -16.44
N PRO D 44 38.50 -24.26 -17.22
CA PRO D 44 38.87 -22.88 -17.53
C PRO D 44 39.00 -22.02 -16.28
N ARG D 45 39.90 -21.04 -16.34
CA ARG D 45 40.15 -20.12 -15.23
C ARG D 45 39.84 -18.70 -15.68
N LEU D 46 38.92 -18.04 -14.99
CA LEU D 46 38.53 -16.67 -15.31
C LEU D 46 39.69 -15.70 -15.15
N LEU D 47 39.88 -14.83 -16.14
CA LEU D 47 40.96 -13.84 -16.11
C LEU D 47 40.43 -12.41 -16.11
N ILE D 48 39.52 -12.13 -17.04
CA ILE D 48 38.93 -10.80 -17.16
C ILE D 48 37.41 -10.88 -17.10
N LYS D 49 36.82 -10.01 -16.29
CA LYS D 49 35.38 -9.94 -16.14
C LYS D 49 34.86 -8.67 -16.79
N TYR D 50 33.70 -8.77 -17.42
CA TYR D 50 33.05 -7.64 -18.05
C TYR D 50 33.98 -6.72 -18.85
N THR D 51 34.65 -7.31 -19.84
CA THR D 51 35.55 -6.60 -20.75
C THR D 51 36.89 -6.15 -20.19
N SER D 52 36.89 -5.46 -19.06
CA SER D 52 38.14 -4.93 -18.50
C SER D 52 38.33 -5.10 -17.01
N GLN D 53 37.37 -5.72 -16.33
CA GLN D 53 37.51 -5.92 -14.89
C GLN D 53 38.42 -7.10 -14.64
N SER D 54 39.63 -6.81 -14.15
CA SER D 54 40.60 -7.86 -13.87
C SER D 54 40.39 -8.42 -12.48
N MET D 55 40.25 -9.73 -12.37
CA MET D 55 40.07 -10.37 -11.08
C MET D 55 41.37 -10.31 -10.31
N SER D 56 41.29 -10.04 -9.01
CA SER D 56 42.50 -9.96 -8.20
C SER D 56 43.21 -11.31 -8.13
N GLY D 57 44.54 -11.25 -8.02
CA GLY D 57 45.31 -12.47 -7.97
C GLY D 57 45.86 -12.76 -9.35
N ILE D 58 45.18 -12.24 -10.37
CA ILE D 58 45.58 -12.42 -11.76
C ILE D 58 46.74 -11.47 -12.04
N PRO D 59 47.85 -11.99 -12.58
CA PRO D 59 49.01 -11.15 -12.88
C PRO D 59 48.61 -9.87 -13.61
N SER D 60 49.30 -8.77 -13.29
CA SER D 60 49.04 -7.47 -13.89
C SER D 60 49.25 -7.48 -15.41
N ARG D 61 50.00 -8.45 -15.91
CA ARG D 61 50.28 -8.55 -17.34
C ARG D 61 49.01 -8.71 -18.17
N PHE D 62 47.94 -9.22 -17.55
CA PHE D 62 46.66 -9.43 -18.25
C PHE D 62 45.73 -8.22 -18.17
N SER D 63 45.13 -7.88 -19.31
CA SER D 63 44.19 -6.75 -19.34
C SER D 63 43.32 -6.86 -20.58
N GLY D 64 42.05 -6.51 -20.42
CA GLY D 64 41.14 -6.59 -21.55
C GLY D 64 40.42 -5.28 -21.81
N SER D 65 40.04 -5.07 -23.06
CA SER D 65 39.32 -3.86 -23.43
C SER D 65 38.38 -4.19 -24.56
N GLY D 66 37.67 -3.17 -25.05
CA GLY D 66 36.73 -3.37 -26.14
C GLY D 66 35.37 -2.89 -25.70
N SER D 67 34.35 -3.16 -26.51
CA SER D 67 32.99 -2.74 -26.21
C SER D 67 32.10 -3.06 -27.41
N GLY D 68 30.82 -3.28 -27.16
CA GLY D 68 29.93 -3.57 -28.26
C GLY D 68 30.13 -4.92 -28.91
N THR D 69 30.96 -4.97 -29.95
CA THR D 69 31.19 -6.24 -30.65
C THR D 69 32.67 -6.55 -30.87
N ASP D 70 33.54 -5.62 -30.50
CA ASP D 70 34.96 -5.86 -30.69
C ASP D 70 35.72 -5.84 -29.37
N PHE D 71 36.34 -6.97 -29.02
CA PHE D 71 37.08 -7.04 -27.77
C PHE D 71 38.50 -7.52 -27.94
N THR D 72 39.33 -7.25 -26.94
CA THR D 72 40.75 -7.60 -27.00
C THR D 72 41.34 -7.99 -25.66
N LEU D 73 42.08 -9.11 -25.64
CA LEU D 73 42.76 -9.55 -24.43
C LEU D 73 44.23 -9.24 -24.68
N SER D 74 44.81 -8.42 -23.80
CA SER D 74 46.22 -8.05 -23.93
C SER D 74 47.08 -8.82 -22.92
N ILE D 75 48.17 -9.41 -23.41
CA ILE D 75 49.10 -10.10 -22.53
C ILE D 75 50.42 -9.34 -22.65
N ASN D 76 50.72 -8.55 -21.62
CA ASN D 76 51.91 -7.72 -21.59
C ASN D 76 53.14 -8.50 -21.12
N SER D 77 54.17 -8.55 -21.95
CA SER D 77 55.40 -9.24 -21.60
C SER D 77 55.08 -10.68 -21.16
N VAL D 78 54.65 -11.49 -22.13
CA VAL D 78 54.30 -12.88 -21.91
C VAL D 78 55.39 -13.62 -21.11
N GLU D 79 54.95 -14.59 -20.29
CA GLU D 79 55.84 -15.39 -19.47
C GLU D 79 55.69 -16.84 -19.93
N THR D 80 56.70 -17.67 -19.64
CA THR D 80 56.69 -19.08 -20.04
C THR D 80 55.46 -19.82 -19.53
N GLU D 81 55.00 -19.46 -18.34
CA GLU D 81 53.82 -20.07 -17.73
C GLU D 81 52.51 -19.66 -18.38
N ASP D 82 52.59 -18.83 -19.42
CA ASP D 82 51.37 -18.37 -20.08
C ASP D 82 50.90 -19.24 -21.25
N PHE D 83 51.58 -20.37 -21.48
CA PHE D 83 51.17 -21.25 -22.56
C PHE D 83 49.80 -21.85 -22.24
N GLY D 84 48.95 -21.95 -23.25
CA GLY D 84 47.62 -22.50 -23.03
C GLY D 84 46.63 -22.01 -24.06
N VAL D 85 45.34 -22.15 -23.75
CA VAL D 85 44.30 -21.70 -24.66
C VAL D 85 43.50 -20.62 -23.93
N TYR D 86 43.21 -19.53 -24.65
CA TYR D 86 42.44 -18.43 -24.10
C TYR D 86 41.13 -18.35 -24.83
N PHE D 87 40.03 -18.21 -24.08
CA PHE D 87 38.70 -18.15 -24.71
C PHE D 87 37.94 -16.94 -24.21
N CYS D 88 37.04 -16.42 -25.05
CA CYS D 88 36.19 -15.31 -24.64
C CYS D 88 34.79 -15.90 -24.57
N GLN D 89 33.96 -15.32 -23.72
CA GLN D 89 32.60 -15.81 -23.55
C GLN D 89 31.66 -14.64 -23.30
N GLN D 90 30.48 -14.65 -23.91
CA GLN D 90 29.53 -13.58 -23.70
C GLN D 90 28.42 -14.05 -22.76
N SER D 91 27.97 -13.13 -21.91
CA SER D 91 26.91 -13.44 -20.96
C SER D 91 25.75 -12.48 -21.20
N GLY D 92 25.80 -11.81 -22.36
CA GLY D 92 24.75 -10.87 -22.69
C GLY D 92 23.45 -11.56 -23.00
N SER D 93 23.54 -12.67 -23.74
CA SER D 93 22.34 -13.39 -24.12
C SER D 93 22.42 -14.89 -23.81
N TRP D 94 21.33 -15.58 -24.12
CA TRP D 94 21.22 -17.01 -23.93
C TRP D 94 20.87 -17.58 -25.31
N PRO D 95 21.53 -18.68 -25.71
CA PRO D 95 22.55 -19.40 -24.95
C PRO D 95 23.85 -18.62 -24.82
N ARG D 96 24.60 -18.89 -23.76
CA ARG D 96 25.88 -18.22 -23.63
C ARG D 96 26.68 -18.88 -24.73
N THR D 97 27.62 -18.13 -25.31
CA THR D 97 28.45 -18.68 -26.36
C THR D 97 29.90 -18.31 -26.09
N PHE D 98 30.80 -19.13 -26.62
CA PHE D 98 32.23 -18.94 -26.43
C PHE D 98 32.91 -18.83 -27.77
N GLY D 99 34.05 -18.14 -27.79
CA GLY D 99 34.82 -18.01 -29.01
C GLY D 99 35.55 -19.33 -29.22
N GLY D 100 36.14 -19.50 -30.41
CA GLY D 100 36.86 -20.73 -30.72
C GLY D 100 38.14 -20.91 -29.92
N GLY D 101 38.62 -19.84 -29.30
CA GLY D 101 39.83 -19.91 -28.50
C GLY D 101 41.13 -19.70 -29.26
N THR D 102 42.14 -19.19 -28.57
CA THR D 102 43.45 -18.95 -29.18
C THR D 102 44.51 -19.71 -28.38
N LYS D 103 45.23 -20.62 -29.04
CA LYS D 103 46.26 -21.39 -28.36
C LYS D 103 47.58 -20.64 -28.37
N LEU D 104 48.11 -20.39 -27.18
CA LEU D 104 49.36 -19.67 -27.05
C LEU D 104 50.54 -20.58 -26.74
N ASP D 105 51.57 -20.50 -27.56
CA ASP D 105 52.77 -21.29 -27.38
C ASP D 105 53.94 -20.34 -27.13
N ILE D 106 54.90 -20.78 -26.34
CA ILE D 106 56.07 -19.98 -26.01
C ILE D 106 57.19 -20.20 -27.01
N LYS D 107 57.76 -19.09 -27.49
CA LYS D 107 58.85 -19.17 -28.44
C LYS D 107 60.11 -19.41 -27.63
N ARG D 108 60.94 -20.31 -28.13
CA ARG D 108 62.18 -20.67 -27.44
C ARG D 108 63.23 -20.86 -28.54
N ALA D 109 64.49 -20.98 -28.15
CA ALA D 109 65.55 -21.17 -29.14
C ALA D 109 65.44 -22.58 -29.73
N ASP D 110 65.82 -22.74 -31.01
CA ASP D 110 65.76 -24.04 -31.65
C ASP D 110 66.61 -25.05 -30.89
N ALA D 111 66.20 -26.32 -30.93
CA ALA D 111 66.94 -27.37 -30.24
C ALA D 111 66.61 -28.74 -30.82
N ALA D 112 67.65 -29.49 -31.16
CA ALA D 112 67.48 -30.82 -31.72
C ALA D 112 66.98 -31.75 -30.63
N PRO D 113 66.28 -32.83 -31.02
CA PRO D 113 65.75 -33.80 -30.06
C PRO D 113 66.78 -34.79 -29.54
N THR D 114 66.52 -35.32 -28.36
CA THR D 114 67.39 -36.34 -27.77
C THR D 114 66.63 -37.61 -28.17
N VAL D 115 67.24 -38.42 -29.03
CA VAL D 115 66.58 -39.64 -29.52
C VAL D 115 67.04 -40.96 -28.93
N SER D 116 66.06 -41.80 -28.60
CA SER D 116 66.31 -43.11 -28.01
C SER D 116 65.38 -44.12 -28.66
N ILE D 117 65.91 -45.29 -28.98
CA ILE D 117 65.10 -46.34 -29.59
C ILE D 117 65.02 -47.54 -28.65
N PHE D 118 63.91 -48.27 -28.71
CA PHE D 118 63.71 -49.41 -27.83
C PHE D 118 63.13 -50.60 -28.56
N PRO D 119 63.78 -51.76 -28.41
CA PRO D 119 63.26 -52.95 -29.08
C PRO D 119 62.04 -53.45 -28.32
N PRO D 120 61.22 -54.32 -28.94
CA PRO D 120 60.06 -54.80 -28.19
C PRO D 120 60.53 -55.59 -26.96
N SER D 121 59.69 -55.59 -25.92
CA SER D 121 59.99 -56.28 -24.66
C SER D 121 59.80 -57.79 -24.77
N SER D 122 60.47 -58.53 -23.90
CA SER D 122 60.36 -59.99 -23.90
C SER D 122 58.91 -60.37 -23.66
N GLU D 123 58.28 -59.65 -22.74
CA GLU D 123 56.89 -59.90 -22.40
C GLU D 123 55.97 -59.72 -23.61
N GLN D 124 56.19 -58.67 -24.40
CA GLN D 124 55.33 -58.50 -25.57
C GLN D 124 55.59 -59.59 -26.60
N LEU D 125 56.86 -59.94 -26.78
CA LEU D 125 57.22 -60.96 -27.76
C LEU D 125 56.56 -62.29 -27.40
N THR D 126 56.60 -62.62 -26.12
CA THR D 126 56.00 -63.85 -25.62
C THR D 126 54.51 -63.83 -25.95
N SER D 127 53.91 -62.64 -25.85
CA SER D 127 52.50 -62.48 -26.12
C SER D 127 52.14 -62.63 -27.58
N GLY D 128 53.12 -62.57 -28.46
CA GLY D 128 52.84 -62.70 -29.88
C GLY D 128 52.93 -61.43 -30.69
N GLY D 129 53.36 -60.33 -30.06
CA GLY D 129 53.49 -59.07 -30.78
C GLY D 129 54.86 -58.45 -30.71
N ALA D 130 55.01 -57.28 -31.29
CA ALA D 130 56.29 -56.58 -31.27
C ALA D 130 56.13 -55.13 -31.66
N SER D 131 56.45 -54.23 -30.72
CA SER D 131 56.37 -52.80 -30.97
C SER D 131 57.76 -52.23 -30.77
N VAL D 132 58.20 -51.36 -31.67
CA VAL D 132 59.50 -50.75 -31.52
C VAL D 132 59.17 -49.30 -31.19
N VAL D 133 59.76 -48.78 -30.11
CA VAL D 133 59.44 -47.42 -29.71
C VAL D 133 60.64 -46.48 -29.86
N CYS D 134 60.33 -45.24 -30.19
CA CYS D 134 61.36 -44.22 -30.35
C CYS D 134 60.88 -42.92 -29.72
N PHE D 135 61.66 -42.41 -28.77
CA PHE D 135 61.34 -41.16 -28.09
C PHE D 135 62.23 -40.06 -28.62
N LEU D 136 61.63 -38.92 -28.94
CA LEU D 136 62.36 -37.75 -29.44
C LEU D 136 62.02 -36.66 -28.43
N ASN D 137 62.88 -36.50 -27.43
CA ASN D 137 62.59 -35.55 -26.38
C ASN D 137 63.30 -34.21 -26.31
N ASN D 138 62.57 -33.25 -25.76
CA ASN D 138 63.03 -31.89 -25.53
C ASN D 138 63.58 -31.14 -26.74
N PHE D 139 62.74 -30.97 -27.76
CA PHE D 139 63.17 -30.26 -28.95
C PHE D 139 62.25 -29.07 -29.26
N TYR D 140 62.66 -28.27 -30.23
CA TYR D 140 61.90 -27.09 -30.65
C TYR D 140 62.48 -26.55 -31.95
N PRO D 141 61.60 -26.17 -32.91
CA PRO D 141 60.14 -26.21 -32.87
C PRO D 141 59.50 -27.61 -32.83
N LYS D 142 58.19 -27.63 -32.59
CA LYS D 142 57.43 -28.87 -32.51
C LYS D 142 57.48 -29.69 -33.80
N ASP D 143 57.54 -29.00 -34.94
CA ASP D 143 57.58 -29.66 -36.24
C ASP D 143 58.73 -30.67 -36.35
N ILE D 144 58.41 -31.91 -36.71
CA ILE D 144 59.44 -32.93 -36.86
C ILE D 144 58.94 -34.12 -37.67
N ASN D 145 59.83 -34.69 -38.46
CA ASN D 145 59.51 -35.83 -39.31
C ASN D 145 60.27 -37.08 -38.85
N VAL D 146 59.54 -38.19 -38.68
CA VAL D 146 60.15 -39.44 -38.25
C VAL D 146 59.97 -40.51 -39.31
N LYS D 147 61.05 -41.18 -39.67
CA LYS D 147 60.97 -42.25 -40.65
C LYS D 147 61.45 -43.55 -40.02
N TRP D 148 60.69 -44.62 -40.22
CA TRP D 148 61.07 -45.92 -39.71
C TRP D 148 61.60 -46.74 -40.87
N LYS D 149 62.64 -47.51 -40.58
CA LYS D 149 63.23 -48.36 -41.59
C LYS D 149 63.53 -49.74 -41.02
N ILE D 150 63.20 -50.76 -41.80
CA ILE D 150 63.45 -52.14 -41.40
C ILE D 150 64.37 -52.71 -42.47
N ASP D 151 65.57 -53.10 -42.06
CA ASP D 151 66.55 -53.65 -42.99
C ASP D 151 66.70 -52.72 -44.19
N GLY D 152 66.73 -51.41 -43.91
CA GLY D 152 66.89 -50.42 -44.95
C GLY D 152 65.65 -50.04 -45.72
N SER D 153 64.53 -50.71 -45.43
CA SER D 153 63.29 -50.43 -46.15
C SER D 153 62.33 -49.54 -45.35
N GLU D 154 61.81 -48.51 -46.00
CA GLU D 154 60.88 -47.60 -45.33
C GLU D 154 59.59 -48.32 -44.96
N ARG D 155 59.11 -48.07 -43.74
CA ARG D 155 57.86 -48.65 -43.27
C ARG D 155 56.98 -47.49 -42.80
N GLN D 156 55.99 -47.16 -43.61
CA GLN D 156 55.07 -46.07 -43.31
C GLN D 156 53.83 -46.50 -42.54
N ASN D 157 53.37 -47.72 -42.79
CA ASN D 157 52.18 -48.25 -42.14
C ASN D 157 52.42 -48.88 -40.77
N GLY D 158 51.48 -48.66 -39.86
CA GLY D 158 51.58 -49.20 -38.51
C GLY D 158 52.31 -48.32 -37.51
N VAL D 159 52.43 -47.04 -37.82
CA VAL D 159 53.13 -46.11 -36.93
C VAL D 159 52.18 -45.22 -36.13
N LEU D 160 52.41 -45.13 -34.83
CA LEU D 160 51.60 -44.31 -33.96
C LEU D 160 52.47 -43.21 -33.34
N ASN D 161 52.11 -41.96 -33.60
CA ASN D 161 52.87 -40.82 -33.10
C ASN D 161 52.05 -40.00 -32.11
N SER D 162 52.75 -39.35 -31.18
CA SER D 162 52.10 -38.51 -30.19
C SER D 162 53.09 -37.49 -29.62
N TRP D 163 52.64 -36.24 -29.52
CA TRP D 163 53.46 -35.15 -29.00
C TRP D 163 52.95 -34.70 -27.64
N THR D 164 53.86 -34.33 -26.73
CA THR D 164 53.45 -33.86 -25.43
C THR D 164 53.12 -32.38 -25.57
N ASP D 165 52.44 -31.83 -24.57
CA ASP D 165 52.12 -30.41 -24.57
C ASP D 165 53.47 -29.72 -24.39
N GLN D 166 53.51 -28.41 -24.58
CA GLN D 166 54.76 -27.68 -24.41
C GLN D 166 55.16 -27.70 -22.94
N ASP D 167 56.44 -27.96 -22.68
CA ASP D 167 56.94 -28.03 -21.31
C ASP D 167 56.84 -26.66 -20.67
N SER D 168 56.41 -26.65 -19.41
CA SER D 168 56.25 -25.41 -18.66
C SER D 168 57.59 -24.91 -18.15
N LYS D 169 58.54 -25.84 -18.07
CA LYS D 169 59.88 -25.54 -17.59
C LYS D 169 60.82 -25.02 -18.67
N ASP D 170 61.03 -25.79 -19.73
CA ASP D 170 61.91 -25.32 -20.78
C ASP D 170 61.26 -25.00 -22.12
N SER D 171 59.93 -25.06 -22.16
CA SER D 171 59.18 -24.75 -23.38
C SER D 171 59.47 -25.69 -24.56
N THR D 172 60.06 -26.85 -24.28
CA THR D 172 60.35 -27.78 -25.37
C THR D 172 59.16 -28.72 -25.59
N TYR D 173 59.26 -29.49 -26.66
CA TYR D 173 58.25 -30.49 -27.02
C TYR D 173 58.96 -31.84 -27.01
N SER D 174 58.18 -32.91 -26.91
CA SER D 174 58.72 -34.26 -26.95
C SER D 174 57.68 -35.07 -27.72
N MET D 175 58.11 -36.14 -28.37
CA MET D 175 57.16 -36.97 -29.09
C MET D 175 57.60 -38.42 -29.08
N SER D 176 56.61 -39.30 -29.07
CA SER D 176 56.84 -40.73 -29.08
C SER D 176 56.34 -41.29 -30.39
N SER D 177 57.13 -42.17 -30.98
CA SER D 177 56.78 -42.82 -32.24
C SER D 177 56.90 -44.33 -32.02
N THR D 178 55.82 -45.03 -32.30
CA THR D 178 55.79 -46.48 -32.10
C THR D 178 55.42 -47.22 -33.36
N LEU D 179 56.30 -48.13 -33.77
CA LEU D 179 56.07 -48.93 -34.94
C LEU D 179 55.61 -50.28 -34.41
N THR D 180 54.46 -50.74 -34.87
CA THR D 180 53.96 -52.03 -34.41
C THR D 180 53.87 -52.96 -35.61
N LEU D 181 54.31 -54.19 -35.42
CA LEU D 181 54.26 -55.19 -36.48
C LEU D 181 54.05 -56.54 -35.84
N THR D 182 53.84 -57.56 -36.66
CA THR D 182 53.64 -58.91 -36.15
C THR D 182 54.97 -59.44 -35.62
N LYS D 183 54.91 -60.40 -34.71
CA LYS D 183 56.11 -61.01 -34.14
C LYS D 183 56.93 -61.71 -35.23
N ASP D 184 56.26 -62.46 -36.09
CA ASP D 184 56.96 -63.17 -37.14
C ASP D 184 57.67 -62.23 -38.10
N GLU D 185 57.06 -61.08 -38.37
CA GLU D 185 57.69 -60.13 -39.27
C GLU D 185 58.93 -59.57 -38.57
N TYR D 186 58.78 -59.25 -37.30
CA TYR D 186 59.88 -58.71 -36.50
C TYR D 186 61.05 -59.69 -36.42
N GLU D 187 60.73 -60.96 -36.21
CA GLU D 187 61.74 -62.00 -36.08
C GLU D 187 62.42 -62.35 -37.39
N ARG D 188 61.83 -61.93 -38.50
CA ARG D 188 62.37 -62.17 -39.83
C ARG D 188 63.39 -61.12 -40.28
N HIS D 189 63.33 -59.93 -39.69
CA HIS D 189 64.28 -58.89 -40.08
C HIS D 189 65.24 -58.59 -38.94
N ASN D 190 66.34 -57.91 -39.26
CA ASN D 190 67.34 -57.62 -38.22
C ASN D 190 67.56 -56.15 -37.83
N SER D 191 67.54 -55.24 -38.80
CA SER D 191 67.79 -53.84 -38.45
C SER D 191 66.55 -52.96 -38.34
N TYR D 192 66.45 -52.27 -37.21
CA TYR D 192 65.33 -51.38 -36.94
C TYR D 192 65.88 -49.99 -36.67
N THR D 193 65.45 -49.05 -37.51
CA THR D 193 65.93 -47.69 -37.41
C THR D 193 64.88 -46.62 -37.33
N CYS D 194 65.16 -45.65 -36.47
CA CYS D 194 64.32 -44.50 -36.23
C CYS D 194 65.14 -43.30 -36.70
N GLU D 195 64.69 -42.63 -37.77
CA GLU D 195 65.39 -41.47 -38.31
C GLU D 195 64.58 -40.18 -38.12
N ALA D 196 65.15 -39.23 -37.40
CA ALA D 196 64.48 -37.97 -37.14
C ALA D 196 65.09 -36.81 -37.92
N THR D 197 64.26 -36.16 -38.72
CA THR D 197 64.71 -35.01 -39.47
C THR D 197 64.10 -33.79 -38.81
N HIS D 198 64.95 -32.89 -38.32
CA HIS D 198 64.49 -31.69 -37.65
C HIS D 198 65.14 -30.44 -38.25
N LYS D 199 64.48 -29.30 -38.03
CA LYS D 199 64.93 -28.00 -38.52
C LYS D 199 66.40 -27.72 -38.22
N THR D 200 66.84 -28.15 -37.04
CA THR D 200 68.21 -27.93 -36.58
C THR D 200 69.34 -28.58 -37.38
N SER D 201 69.01 -29.30 -38.45
CA SER D 201 70.05 -29.94 -39.26
C SER D 201 69.53 -30.60 -40.52
N THR D 202 70.33 -30.57 -41.58
CA THR D 202 69.95 -31.19 -42.85
C THR D 202 70.03 -32.70 -42.73
N SER D 203 70.98 -33.18 -41.93
CA SER D 203 71.14 -34.62 -41.74
C SER D 203 70.26 -35.07 -40.58
N PRO D 204 69.57 -36.21 -40.75
CA PRO D 204 68.69 -36.73 -39.70
C PRO D 204 69.43 -37.39 -38.54
N ILE D 205 68.79 -37.41 -37.38
CA ILE D 205 69.39 -38.06 -36.23
C ILE D 205 68.97 -39.51 -36.37
N VAL D 206 69.95 -40.40 -36.37
CA VAL D 206 69.67 -41.81 -36.53
C VAL D 206 69.97 -42.65 -35.30
N LYS D 207 69.00 -43.45 -34.91
CA LYS D 207 69.14 -44.34 -33.77
C LYS D 207 68.65 -45.68 -34.26
N SER D 208 69.31 -46.75 -33.86
CA SER D 208 68.88 -48.06 -34.31
C SER D 208 69.45 -49.19 -33.47
N PHE D 209 69.04 -50.40 -33.81
CA PHE D 209 69.53 -51.59 -33.11
C PHE D 209 69.33 -52.77 -34.05
N ASN D 210 70.12 -53.81 -33.84
CA ASN D 210 70.04 -55.03 -34.63
C ASN D 210 69.49 -56.11 -33.73
N ARG D 211 68.44 -56.80 -34.19
CA ARG D 211 67.81 -57.85 -33.41
C ARG D 211 68.80 -58.97 -33.11
N GLU E 1 34.42 -20.72 0.95
CA GLU E 1 34.93 -20.92 -0.44
C GLU E 1 33.97 -21.77 -1.26
N VAL E 2 33.53 -21.25 -2.40
CA VAL E 2 32.62 -21.96 -3.28
C VAL E 2 33.32 -23.13 -3.95
N GLN E 3 32.68 -24.29 -3.94
CA GLN E 3 33.28 -25.46 -4.58
C GLN E 3 32.24 -26.30 -5.30
N LEU E 4 32.58 -26.74 -6.50
CA LEU E 4 31.71 -27.58 -7.32
C LEU E 4 32.43 -28.91 -7.59
N GLN E 5 31.88 -29.99 -7.06
CA GLN E 5 32.45 -31.33 -7.22
C GLN E 5 31.55 -32.17 -8.12
N GLU E 6 32.09 -32.62 -9.25
CA GLU E 6 31.34 -33.44 -10.21
C GLU E 6 31.63 -34.94 -10.11
N SER E 7 30.78 -35.76 -10.74
CA SER E 7 30.96 -37.20 -10.72
C SER E 7 32.09 -37.64 -11.66
N GLY E 8 32.55 -38.88 -11.49
CA GLY E 8 33.65 -39.38 -12.31
C GLY E 8 33.37 -39.66 -13.77
N ALA E 9 34.41 -40.09 -14.47
CA ALA E 9 34.30 -40.41 -15.90
C ALA E 9 33.29 -41.55 -16.10
N GLU E 10 32.68 -41.61 -17.27
CA GLU E 10 31.70 -42.64 -17.55
C GLU E 10 31.80 -43.17 -18.99
N LEU E 11 31.46 -44.45 -19.15
CA LEU E 11 31.46 -45.10 -20.46
C LEU E 11 30.08 -45.74 -20.62
N MET E 12 29.39 -45.37 -21.69
CA MET E 12 28.06 -45.92 -21.98
C MET E 12 27.99 -46.25 -23.46
N LYS E 13 27.10 -47.18 -23.82
CA LYS E 13 26.93 -47.58 -25.21
C LYS E 13 25.89 -46.69 -25.89
N PRO E 14 25.88 -46.62 -27.23
CA PRO E 14 24.87 -45.78 -27.86
C PRO E 14 23.46 -46.26 -27.53
N GLY E 15 22.52 -45.32 -27.44
CA GLY E 15 21.15 -45.67 -27.12
C GLY E 15 20.87 -45.60 -25.63
N ALA E 16 21.92 -45.65 -24.83
CA ALA E 16 21.76 -45.59 -23.39
C ALA E 16 21.69 -44.13 -22.95
N SER E 17 21.69 -43.94 -21.64
CA SER E 17 21.64 -42.59 -21.09
C SER E 17 22.60 -42.56 -19.90
N VAL E 18 22.89 -41.36 -19.41
CA VAL E 18 23.80 -41.22 -18.28
C VAL E 18 23.44 -39.99 -17.49
N LYS E 19 23.75 -40.01 -16.19
CA LYS E 19 23.47 -38.86 -15.35
C LYS E 19 24.74 -38.38 -14.68
N ILE E 20 25.09 -37.12 -14.94
CA ILE E 20 26.27 -36.52 -14.35
C ILE E 20 25.83 -35.61 -13.21
N SER E 21 26.54 -35.67 -12.09
CA SER E 21 26.17 -34.84 -10.95
C SER E 21 27.18 -33.74 -10.67
N CYS E 22 26.72 -32.71 -9.96
CA CYS E 22 27.52 -31.55 -9.61
C CYS E 22 27.10 -31.09 -8.23
N LYS E 23 27.97 -31.28 -7.23
CA LYS E 23 27.62 -30.88 -5.87
C LYS E 23 28.21 -29.51 -5.55
N ALA E 24 27.33 -28.55 -5.33
CA ALA E 24 27.77 -27.18 -5.04
C ALA E 24 27.66 -26.86 -3.56
N THR E 25 28.70 -26.22 -3.03
CA THR E 25 28.70 -25.84 -1.62
C THR E 25 29.45 -24.53 -1.43
N GLY E 26 29.26 -23.92 -0.26
CA GLY E 26 29.93 -22.67 0.02
C GLY E 26 29.14 -21.42 -0.29
N TYR E 27 27.86 -21.57 -0.66
CA TYR E 27 27.00 -20.43 -0.98
C TYR E 27 25.54 -20.86 -0.95
N THR E 28 24.63 -19.91 -1.14
CA THR E 28 23.20 -20.24 -1.13
C THR E 28 22.82 -20.95 -2.42
N PHE E 29 22.74 -22.28 -2.32
CA PHE E 29 22.42 -23.17 -3.43
C PHE E 29 21.18 -22.81 -4.24
N THR E 30 20.16 -22.29 -3.57
CA THR E 30 18.91 -21.92 -4.24
C THR E 30 18.87 -20.55 -4.89
N THR E 31 19.93 -19.77 -4.75
CA THR E 31 19.94 -18.43 -5.33
C THR E 31 20.61 -18.32 -6.70
N TYR E 32 21.62 -19.17 -6.96
CA TYR E 32 22.33 -19.13 -8.24
C TYR E 32 22.01 -20.25 -9.22
N TRP E 33 22.02 -19.91 -10.49
CA TRP E 33 21.81 -20.88 -11.55
C TRP E 33 23.08 -21.72 -11.66
N ILE E 34 22.93 -22.96 -12.09
CA ILE E 34 24.06 -23.83 -12.30
C ILE E 34 23.99 -24.06 -13.79
N GLU E 35 25.02 -23.66 -14.50
CA GLU E 35 25.04 -23.78 -15.96
C GLU E 35 25.95 -24.91 -16.41
N TRP E 36 25.53 -25.62 -17.45
CA TRP E 36 26.30 -26.76 -17.94
C TRP E 36 26.96 -26.48 -19.29
N ILE E 37 28.21 -26.89 -19.39
CA ILE E 37 28.99 -26.66 -20.59
C ILE E 37 29.65 -27.93 -21.12
N LYS E 38 29.58 -28.10 -22.44
CA LYS E 38 30.17 -29.27 -23.10
C LYS E 38 31.44 -28.85 -23.84
N GLN E 39 32.51 -29.61 -23.68
CA GLN E 39 33.77 -29.32 -24.37
C GLN E 39 34.22 -30.55 -25.16
N ARG E 40 34.40 -30.36 -26.46
CA ARG E 40 34.81 -31.42 -27.37
C ARG E 40 36.10 -31.01 -28.09
N PRO E 41 36.96 -31.98 -28.40
CA PRO E 41 38.21 -31.66 -29.11
C PRO E 41 37.91 -31.22 -30.53
N GLY E 42 38.41 -30.05 -30.91
CA GLY E 42 38.15 -29.55 -32.27
C GLY E 42 36.79 -28.91 -32.35
N HIS E 43 36.28 -28.50 -31.19
CA HIS E 43 34.97 -27.84 -31.09
C HIS E 43 35.00 -26.87 -29.93
N SER E 44 34.60 -25.63 -30.17
CA SER E 44 34.59 -24.63 -29.12
C SER E 44 33.59 -25.04 -28.02
N LEU E 45 33.80 -24.53 -26.82
CA LEU E 45 32.92 -24.81 -25.68
C LEU E 45 31.46 -24.51 -26.04
N GLU E 46 30.56 -25.41 -25.68
CA GLU E 46 29.13 -25.26 -25.97
C GLU E 46 28.27 -25.24 -24.71
N TRP E 47 27.44 -24.21 -24.58
CA TRP E 47 26.53 -24.06 -23.44
C TRP E 47 25.38 -25.04 -23.64
N ILE E 48 25.16 -25.92 -22.67
CA ILE E 48 24.10 -26.91 -22.77
C ILE E 48 22.77 -26.42 -22.18
N GLY E 49 22.85 -25.81 -21.01
CA GLY E 49 21.65 -25.32 -20.36
C GLY E 49 21.90 -24.90 -18.94
N GLU E 50 20.82 -24.63 -18.22
CA GLU E 50 20.93 -24.20 -16.83
C GLU E 50 19.72 -24.62 -16.04
N ILE E 51 19.89 -24.63 -14.72
CA ILE E 51 18.82 -24.99 -13.79
C ILE E 51 19.04 -24.16 -12.53
N LEU E 52 17.94 -23.68 -11.96
CA LEU E 52 18.01 -22.90 -10.73
C LEU E 52 17.51 -23.86 -9.66
N PRO E 53 18.45 -24.50 -8.95
CA PRO E 53 18.20 -25.48 -7.87
C PRO E 53 17.05 -25.15 -6.93
N GLY E 54 16.13 -26.11 -6.79
CA GLY E 54 15.01 -25.94 -5.89
C GLY E 54 13.73 -25.37 -6.48
N SER E 55 13.88 -24.55 -7.51
CA SER E 55 12.72 -23.91 -8.14
C SER E 55 12.09 -24.72 -9.27
N ASP E 56 12.77 -25.77 -9.71
CA ASP E 56 12.27 -26.58 -10.81
C ASP E 56 12.32 -25.84 -12.13
N SER E 57 13.08 -24.75 -12.19
CA SER E 57 13.16 -23.99 -13.43
C SER E 57 14.43 -24.26 -14.20
N THR E 58 14.25 -24.60 -15.48
CA THR E 58 15.37 -24.92 -16.36
C THR E 58 15.26 -24.22 -17.70
N TYR E 59 16.33 -24.30 -18.48
CA TYR E 59 16.39 -23.72 -19.82
C TYR E 59 17.44 -24.55 -20.56
N TYR E 60 17.07 -25.06 -21.73
CA TYR E 60 17.97 -25.88 -22.52
C TYR E 60 18.38 -25.19 -23.81
N ASN E 61 19.62 -25.41 -24.23
CA ASN E 61 20.08 -24.85 -25.49
C ASN E 61 19.30 -25.66 -26.53
N GLU E 62 18.50 -24.97 -27.33
CA GLU E 62 17.68 -25.62 -28.35
C GLU E 62 18.38 -26.78 -29.06
N LYS E 63 19.68 -26.65 -29.30
CA LYS E 63 20.44 -27.69 -29.97
C LYS E 63 20.38 -29.02 -29.25
N VAL E 64 20.33 -28.96 -27.91
CA VAL E 64 20.29 -30.16 -27.09
C VAL E 64 18.92 -30.45 -26.50
N LYS E 65 17.93 -29.65 -26.87
CA LYS E 65 16.57 -29.85 -26.39
C LYS E 65 16.08 -31.24 -26.74
N GLY E 66 15.39 -31.89 -25.80
CA GLY E 66 14.86 -33.22 -26.03
C GLY E 66 15.77 -34.35 -25.56
N LYS E 67 17.08 -34.11 -25.53
CA LYS E 67 18.03 -35.12 -25.09
C LYS E 67 18.66 -34.85 -23.73
N VAL E 68 18.46 -33.65 -23.21
CA VAL E 68 19.02 -33.27 -21.92
C VAL E 68 17.94 -32.95 -20.88
N THR E 69 18.15 -33.44 -19.67
CA THR E 69 17.20 -33.20 -18.59
C THR E 69 17.92 -32.82 -17.31
N PHE E 70 17.63 -31.64 -16.77
CA PHE E 70 18.25 -31.20 -15.53
C PHE E 70 17.35 -31.46 -14.34
N THR E 71 17.95 -31.84 -13.21
CA THR E 71 17.23 -32.06 -11.97
C THR E 71 18.15 -31.62 -10.84
N ALA E 72 17.60 -31.48 -9.65
CA ALA E 72 18.40 -31.07 -8.52
C ALA E 72 17.81 -31.60 -7.23
N ASP E 73 18.68 -31.81 -6.25
CA ASP E 73 18.28 -32.28 -4.94
C ASP E 73 18.85 -31.29 -3.94
N ALA E 74 18.03 -30.33 -3.52
CA ALA E 74 18.46 -29.31 -2.57
C ALA E 74 18.94 -29.89 -1.24
N SER E 75 18.38 -31.03 -0.85
CA SER E 75 18.77 -31.65 0.41
C SER E 75 20.24 -32.05 0.40
N SER E 76 20.85 -32.07 -0.79
CA SER E 76 22.26 -32.42 -0.92
C SER E 76 23.07 -31.43 -1.76
N ASN E 77 22.46 -30.30 -2.10
CA ASN E 77 23.13 -29.27 -2.90
C ASN E 77 23.71 -29.89 -4.16
N THR E 78 22.98 -30.81 -4.75
CA THR E 78 23.46 -31.46 -5.95
C THR E 78 22.56 -31.21 -7.15
N ALA E 79 23.19 -30.87 -8.27
CA ALA E 79 22.46 -30.63 -9.52
C ALA E 79 22.86 -31.79 -10.42
N TYR E 80 21.92 -32.29 -11.24
CA TYR E 80 22.20 -33.40 -12.14
C TYR E 80 21.83 -33.12 -13.59
N MET E 81 22.63 -33.66 -14.51
CA MET E 81 22.37 -33.53 -15.95
C MET E 81 22.28 -34.93 -16.55
N GLN E 82 21.12 -35.26 -17.08
CA GLN E 82 20.92 -36.57 -17.68
C GLN E 82 20.85 -36.46 -19.19
N LEU E 83 21.77 -37.15 -19.88
CA LEU E 83 21.80 -37.15 -21.33
C LEU E 83 21.21 -38.49 -21.79
N SER E 84 20.25 -38.45 -22.72
CA SER E 84 19.61 -39.67 -23.20
C SER E 84 19.92 -40.00 -24.65
N SER E 85 19.49 -41.19 -25.08
CA SER E 85 19.70 -41.65 -26.45
C SER E 85 21.10 -41.31 -26.96
N LEU E 86 22.10 -41.62 -26.15
CA LEU E 86 23.49 -41.32 -26.48
C LEU E 86 24.00 -41.79 -27.83
N THR E 87 24.86 -40.96 -28.44
CA THR E 87 25.50 -41.27 -29.71
C THR E 87 26.96 -40.82 -29.51
N SER E 88 27.84 -41.20 -30.43
CA SER E 88 29.23 -40.82 -30.31
C SER E 88 29.42 -39.31 -30.23
N GLU E 89 28.47 -38.55 -30.77
CA GLU E 89 28.56 -37.09 -30.75
C GLU E 89 28.45 -36.53 -29.33
N ASP E 90 28.08 -37.39 -28.38
CA ASP E 90 27.92 -36.96 -27.00
C ASP E 90 29.22 -37.13 -26.20
N SER E 91 30.21 -37.78 -26.80
CA SER E 91 31.51 -38.00 -26.15
C SER E 91 32.19 -36.66 -25.90
N ALA E 92 32.45 -36.35 -24.64
CA ALA E 92 33.09 -35.08 -24.31
C ALA E 92 33.28 -34.89 -22.82
N VAL E 93 33.84 -33.74 -22.47
CA VAL E 93 34.03 -33.39 -21.09
C VAL E 93 32.92 -32.42 -20.78
N TYR E 94 32.12 -32.70 -19.75
CA TYR E 94 31.02 -31.83 -19.36
C TYR E 94 31.37 -31.10 -18.09
N TYR E 95 31.07 -29.81 -18.05
CA TYR E 95 31.35 -28.98 -16.88
C TYR E 95 30.08 -28.37 -16.34
N CYS E 96 30.08 -28.10 -15.04
CA CYS E 96 28.99 -27.40 -14.41
C CYS E 96 29.75 -26.18 -13.90
N ALA E 97 29.06 -25.05 -13.77
CA ALA E 97 29.69 -23.83 -13.28
C ALA E 97 28.58 -22.96 -12.68
N ARG E 98 28.90 -22.20 -11.64
CA ARG E 98 27.88 -21.37 -11.03
C ARG E 98 27.65 -20.21 -12.00
N GLY E 99 26.41 -19.74 -12.07
CA GLY E 99 26.12 -18.63 -12.95
C GLY E 99 26.40 -17.29 -12.28
N ASP E 100 27.47 -16.62 -12.71
CA ASP E 100 27.82 -15.32 -12.17
C ASP E 100 27.99 -14.33 -13.33
N GLY E 101 27.32 -14.61 -14.45
CA GLY E 101 27.44 -13.80 -15.64
C GLY E 101 28.65 -14.45 -16.26
N PHE E 102 29.79 -14.17 -15.65
CA PHE E 102 31.05 -14.79 -16.03
C PHE E 102 31.01 -16.10 -15.22
N TYR E 103 31.99 -16.99 -15.43
CA TYR E 103 32.04 -18.25 -14.70
C TYR E 103 33.35 -18.27 -13.89
N VAL E 104 33.27 -17.94 -12.61
CA VAL E 104 34.44 -17.94 -11.75
C VAL E 104 34.62 -19.31 -11.07
N TYR E 105 33.51 -19.95 -10.73
CA TYR E 105 33.53 -21.25 -10.07
C TYR E 105 33.12 -22.39 -11.02
N TRP E 106 34.06 -23.28 -11.28
CA TRP E 106 33.85 -24.43 -12.17
C TRP E 106 34.03 -25.77 -11.50
N GLY E 107 33.27 -26.76 -11.95
CA GLY E 107 33.42 -28.10 -11.44
C GLY E 107 34.68 -28.59 -12.13
N GLN E 108 35.21 -29.75 -11.73
CA GLN E 108 36.41 -30.26 -12.37
C GLN E 108 36.12 -30.91 -13.72
N GLY E 109 34.84 -30.99 -14.09
CA GLY E 109 34.44 -31.59 -15.35
C GLY E 109 34.39 -33.11 -15.30
N THR E 110 33.48 -33.73 -16.04
CA THR E 110 33.36 -35.19 -16.08
C THR E 110 33.38 -35.64 -17.53
N THR E 111 34.26 -36.60 -17.82
CA THR E 111 34.42 -37.11 -19.17
C THR E 111 33.49 -38.25 -19.55
N LEU E 112 32.75 -38.05 -20.63
CA LEU E 112 31.84 -39.07 -21.14
C LEU E 112 32.37 -39.69 -22.42
N THR E 113 32.36 -41.02 -22.46
CA THR E 113 32.78 -41.77 -23.63
C THR E 113 31.57 -42.61 -24.06
N VAL E 114 31.12 -42.40 -25.29
CA VAL E 114 29.99 -43.17 -25.81
C VAL E 114 30.56 -44.07 -26.89
N SER E 115 30.55 -45.37 -26.65
CA SER E 115 31.10 -46.31 -27.62
C SER E 115 30.52 -47.72 -27.48
N SER E 116 30.56 -48.45 -28.57
CA SER E 116 30.08 -49.83 -28.59
C SER E 116 31.19 -50.75 -28.08
N ALA E 117 32.40 -50.20 -27.91
CA ALA E 117 33.55 -50.95 -27.45
C ALA E 117 33.49 -51.28 -25.96
N SER E 118 34.00 -52.44 -25.57
CA SER E 118 33.96 -52.81 -24.16
C SER E 118 35.22 -52.37 -23.43
N THR E 119 35.12 -52.28 -22.11
CA THR E 119 36.25 -51.90 -21.29
C THR E 119 37.34 -52.96 -21.38
N THR E 120 38.57 -52.51 -21.64
CA THR E 120 39.69 -53.42 -21.80
C THR E 120 40.91 -52.92 -21.03
N PRO E 121 41.51 -53.78 -20.20
CA PRO E 121 42.69 -53.40 -19.41
C PRO E 121 43.89 -53.18 -20.33
N PRO E 122 44.80 -52.29 -19.93
CA PRO E 122 45.96 -52.07 -20.81
C PRO E 122 46.99 -53.16 -20.61
N SER E 123 47.84 -53.34 -21.60
CA SER E 123 48.95 -54.29 -21.50
C SER E 123 50.13 -53.34 -21.27
N VAL E 124 50.91 -53.60 -20.22
CA VAL E 124 52.03 -52.74 -19.86
C VAL E 124 53.37 -53.43 -20.15
N TYR E 125 54.17 -52.79 -20.98
CA TYR E 125 55.45 -53.34 -21.38
C TYR E 125 56.60 -52.40 -21.05
N PRO E 126 57.68 -52.95 -20.47
CA PRO E 126 58.87 -52.18 -20.09
C PRO E 126 59.71 -51.79 -21.31
N LEU E 127 60.29 -50.60 -21.28
CA LEU E 127 61.12 -50.13 -22.37
C LEU E 127 62.51 -49.86 -21.83
N ALA E 128 63.42 -50.81 -22.04
CA ALA E 128 64.80 -50.67 -21.58
C ALA E 128 65.72 -50.61 -22.80
N PRO E 129 66.85 -49.89 -22.68
CA PRO E 129 67.79 -49.79 -23.79
C PRO E 129 68.27 -51.15 -24.29
N GLY E 130 68.55 -51.22 -25.58
CA GLY E 130 69.02 -52.46 -26.16
C GLY E 130 70.53 -52.48 -26.25
N SER E 137 76.74 -40.55 -19.20
CA SER E 137 75.61 -39.90 -19.92
C SER E 137 74.32 -40.11 -19.14
N MET E 138 73.18 -39.83 -19.77
CA MET E 138 71.90 -40.04 -19.11
C MET E 138 71.16 -41.16 -19.82
N VAL E 139 70.39 -41.93 -19.07
CA VAL E 139 69.67 -43.03 -19.66
C VAL E 139 68.17 -42.76 -19.66
N THR E 140 67.53 -43.08 -20.78
CA THR E 140 66.10 -42.89 -20.93
C THR E 140 65.44 -44.25 -20.93
N LEU E 141 64.47 -44.41 -20.04
CA LEU E 141 63.71 -45.65 -19.90
C LEU E 141 62.27 -45.31 -20.25
N GLY E 142 61.43 -46.34 -20.38
CA GLY E 142 60.03 -46.06 -20.70
C GLY E 142 59.09 -47.21 -20.45
N CYS E 143 57.80 -46.96 -20.67
CA CYS E 143 56.78 -47.97 -20.53
C CYS E 143 55.76 -47.74 -21.62
N LEU E 144 55.35 -48.83 -22.25
CA LEU E 144 54.36 -48.83 -23.32
C LEU E 144 53.06 -49.35 -22.72
N VAL E 145 52.00 -48.55 -22.78
CA VAL E 145 50.70 -48.94 -22.23
C VAL E 145 49.77 -49.04 -23.44
N LYS E 146 49.51 -50.25 -23.90
CA LYS E 146 48.68 -50.39 -25.09
C LYS E 146 47.43 -51.25 -25.05
N GLY E 147 46.56 -50.99 -26.02
CA GLY E 147 45.32 -51.74 -26.17
C GLY E 147 44.31 -51.64 -25.06
N TYR E 148 44.10 -50.45 -24.51
CA TYR E 148 43.11 -50.31 -23.44
C TYR E 148 41.94 -49.45 -23.87
N PHE E 149 40.88 -49.50 -23.07
CA PHE E 149 39.68 -48.73 -23.32
C PHE E 149 38.84 -48.73 -22.05
N PRO E 150 38.29 -47.58 -21.67
CA PRO E 150 38.40 -46.30 -22.39
C PRO E 150 39.50 -45.52 -21.69
N GLU E 151 39.55 -44.22 -21.95
CA GLU E 151 40.51 -43.34 -21.26
C GLU E 151 39.86 -43.11 -19.89
N PRO E 152 40.64 -42.69 -18.89
CA PRO E 152 42.06 -42.41 -18.94
C PRO E 152 42.88 -43.48 -18.22
N VAL E 153 44.18 -43.25 -18.21
CA VAL E 153 45.14 -44.10 -17.53
C VAL E 153 46.07 -43.11 -16.84
N THR E 154 46.68 -43.51 -15.74
CA THR E 154 47.62 -42.63 -15.06
C THR E 154 48.95 -43.38 -14.93
N VAL E 155 50.05 -42.66 -15.14
CA VAL E 155 51.37 -43.25 -15.07
C VAL E 155 52.28 -42.42 -14.17
N THR E 156 52.98 -43.09 -13.26
CA THR E 156 53.93 -42.43 -12.38
C THR E 156 55.17 -43.32 -12.42
N TRP E 157 56.27 -42.82 -11.88
CA TRP E 157 57.52 -43.57 -11.86
C TRP E 157 58.01 -43.63 -10.42
N ASN E 158 58.33 -44.83 -9.97
CA ASN E 158 58.78 -45.03 -8.60
C ASN E 158 57.79 -44.39 -7.63
N SER E 159 56.52 -44.67 -7.88
CA SER E 159 55.43 -44.16 -7.05
C SER E 159 55.49 -42.66 -6.83
N GLY E 160 56.00 -41.94 -7.83
CA GLY E 160 56.07 -40.49 -7.71
C GLY E 160 57.43 -39.97 -7.33
N SER E 161 58.34 -40.86 -6.95
CA SER E 161 59.68 -40.44 -6.57
C SER E 161 60.47 -39.84 -7.72
N LEU E 162 60.12 -40.21 -8.95
CA LEU E 162 60.76 -39.67 -10.14
C LEU E 162 59.67 -38.88 -10.87
N SER E 163 59.84 -37.56 -10.96
CA SER E 163 58.87 -36.67 -11.62
C SER E 163 59.50 -35.83 -12.74
N SER E 164 60.60 -35.16 -12.44
CA SER E 164 61.30 -34.36 -13.43
C SER E 164 61.78 -35.35 -14.47
N GLY E 165 62.16 -34.87 -15.65
CA GLY E 165 62.64 -35.81 -16.64
C GLY E 165 61.65 -36.89 -17.06
N VAL E 166 60.36 -36.71 -16.76
CA VAL E 166 59.34 -37.69 -17.16
C VAL E 166 58.47 -37.10 -18.27
N HIS E 167 58.16 -37.90 -19.28
CA HIS E 167 57.32 -37.45 -20.38
C HIS E 167 56.23 -38.47 -20.63
N THR E 168 55.01 -38.15 -20.25
CA THR E 168 53.90 -39.08 -20.51
C THR E 168 53.16 -38.54 -21.72
N PHE E 169 53.15 -39.32 -22.79
CA PHE E 169 52.53 -38.94 -24.04
C PHE E 169 51.02 -39.18 -24.11
N PRO E 170 50.28 -38.24 -24.70
CA PRO E 170 48.83 -38.39 -24.81
C PRO E 170 48.53 -39.72 -25.50
N ALA E 171 47.41 -40.33 -25.16
CA ALA E 171 47.02 -41.61 -25.75
C ALA E 171 46.58 -41.38 -27.19
N VAL E 172 46.76 -42.39 -28.04
CA VAL E 172 46.36 -42.30 -29.44
C VAL E 172 45.41 -43.47 -29.72
N LEU E 173 44.24 -43.15 -30.28
CA LEU E 173 43.23 -44.15 -30.59
C LEU E 173 43.56 -44.84 -31.89
N GLN E 174 43.96 -46.10 -31.80
CA GLN E 174 44.32 -46.90 -32.96
C GLN E 174 43.45 -48.14 -33.04
N SER E 175 42.58 -48.18 -34.05
CA SER E 175 41.69 -49.32 -34.24
C SER E 175 40.85 -49.59 -32.99
N ASP E 176 40.18 -48.55 -32.51
CA ASP E 176 39.30 -48.62 -31.37
C ASP E 176 39.90 -49.02 -30.03
N LEU E 177 41.22 -48.90 -29.93
CA LEU E 177 41.94 -49.20 -28.71
C LEU E 177 42.99 -48.12 -28.51
N TYR E 178 43.19 -47.70 -27.26
CA TYR E 178 44.16 -46.66 -26.96
C TYR E 178 45.52 -47.23 -26.62
N THR E 179 46.55 -46.49 -27.01
CA THR E 179 47.93 -46.82 -26.73
C THR E 179 48.60 -45.54 -26.25
N LEU E 180 49.41 -45.66 -25.21
CA LEU E 180 50.10 -44.52 -24.64
C LEU E 180 51.49 -44.99 -24.22
N SER E 181 52.42 -44.05 -24.12
CA SER E 181 53.77 -44.40 -23.70
C SER E 181 54.28 -43.33 -22.75
N SER E 182 55.29 -43.66 -21.97
CA SER E 182 55.85 -42.71 -21.02
C SER E 182 57.33 -42.99 -20.86
N SER E 183 58.14 -41.94 -20.94
CA SER E 183 59.59 -42.05 -20.80
C SER E 183 60.04 -41.29 -19.57
N VAL E 184 61.20 -41.70 -19.04
CA VAL E 184 61.78 -41.05 -17.88
C VAL E 184 63.28 -41.12 -18.12
N THR E 185 63.93 -39.98 -17.92
CA THR E 185 65.37 -39.89 -18.14
C THR E 185 66.03 -39.64 -16.81
N VAL E 186 67.03 -40.45 -16.48
CA VAL E 186 67.74 -40.32 -15.21
C VAL E 186 69.25 -40.49 -15.41
N PRO E 187 70.06 -40.10 -14.42
CA PRO E 187 71.51 -40.25 -14.59
C PRO E 187 71.85 -41.72 -14.82
N SER E 188 72.89 -41.98 -15.60
CA SER E 188 73.30 -43.37 -15.87
C SER E 188 73.72 -44.07 -14.58
N SER E 189 74.01 -43.28 -13.55
CA SER E 189 74.41 -43.83 -12.26
C SER E 189 73.25 -44.35 -11.41
N PRO E 190 72.03 -43.79 -11.57
CA PRO E 190 70.85 -44.23 -10.82
C PRO E 190 70.20 -45.53 -11.29
N TRP E 191 70.38 -45.88 -12.56
CA TRP E 191 69.80 -47.10 -13.11
C TRP E 191 70.80 -47.75 -14.06
N PRO E 192 70.97 -49.09 -13.98
CA PRO E 192 70.34 -50.11 -13.14
C PRO E 192 70.79 -50.19 -11.68
N SER E 193 71.59 -49.23 -11.21
CA SER E 193 72.05 -49.26 -9.82
C SER E 193 70.86 -49.47 -8.89
N GLU E 194 69.79 -48.73 -9.17
CA GLU E 194 68.58 -48.83 -8.38
C GLU E 194 67.44 -49.11 -9.35
N THR E 195 66.46 -49.86 -8.88
CA THR E 195 65.32 -50.22 -9.72
C THR E 195 64.45 -49.02 -10.12
N VAL E 196 63.89 -49.11 -11.33
CA VAL E 196 62.99 -48.07 -11.82
C VAL E 196 61.72 -48.83 -12.18
N THR E 197 60.58 -48.31 -11.72
CA THR E 197 59.28 -48.94 -11.94
C THR E 197 58.25 -47.93 -12.44
N CYS E 198 57.45 -48.32 -13.43
CA CYS E 198 56.40 -47.42 -13.87
C CYS E 198 55.13 -47.99 -13.25
N ASN E 199 54.32 -47.11 -12.65
CA ASN E 199 53.08 -47.53 -12.01
C ASN E 199 51.93 -47.10 -12.92
N VAL E 200 51.18 -48.07 -13.42
CA VAL E 200 50.10 -47.77 -14.34
C VAL E 200 48.73 -48.13 -13.78
N ALA E 201 47.84 -47.15 -13.77
CA ALA E 201 46.48 -47.39 -13.27
C ALA E 201 45.46 -47.11 -14.36
N HIS E 202 44.47 -48.00 -14.45
CA HIS E 202 43.38 -47.86 -15.41
C HIS E 202 42.11 -48.10 -14.61
N PRO E 203 41.57 -47.04 -14.00
CA PRO E 203 40.34 -47.16 -13.20
C PRO E 203 39.13 -47.86 -13.81
N ALA E 204 38.92 -47.71 -15.11
CA ALA E 204 37.78 -48.35 -15.76
C ALA E 204 37.81 -49.88 -15.67
N SER E 205 38.99 -50.47 -15.72
CA SER E 205 39.11 -51.92 -15.60
C SER E 205 39.67 -52.29 -14.23
N SER E 206 39.73 -51.30 -13.34
CA SER E 206 40.24 -51.48 -11.98
C SER E 206 41.60 -52.19 -11.94
N THR E 207 42.44 -51.86 -12.91
CA THR E 207 43.76 -52.46 -12.99
C THR E 207 44.85 -51.53 -12.47
N LYS E 208 45.79 -52.13 -11.76
CA LYS E 208 46.95 -51.42 -11.21
C LYS E 208 48.15 -52.31 -11.49
N VAL E 209 49.11 -51.79 -12.25
CA VAL E 209 50.31 -52.55 -12.58
C VAL E 209 51.58 -51.76 -12.27
N ASP E 210 52.54 -52.46 -11.64
CA ASP E 210 53.83 -51.87 -11.29
C ASP E 210 54.83 -52.66 -12.11
N LYS E 211 55.42 -52.01 -13.11
CA LYS E 211 56.36 -52.66 -14.01
C LYS E 211 57.80 -52.25 -13.78
N LYS E 212 58.64 -53.19 -13.36
CA LYS E 212 60.06 -52.89 -13.14
C LYS E 212 60.74 -52.92 -14.51
N ILE E 213 61.64 -51.97 -14.75
CA ILE E 213 62.35 -51.94 -16.01
C ILE E 213 63.62 -52.79 -15.83
N VAL E 214 63.56 -54.03 -16.27
CA VAL E 214 64.69 -54.94 -16.13
C VAL E 214 65.76 -54.74 -17.21
N PRO E 215 67.03 -54.59 -16.79
CA PRO E 215 68.13 -54.40 -17.74
C PRO E 215 68.23 -55.52 -18.78
N ARG E 216 68.92 -55.25 -19.88
CA ARG E 216 69.12 -56.20 -20.97
C ARG E 216 67.82 -56.56 -21.63
N ASP E 217 67.54 -55.96 -22.78
CA ASP E 217 66.30 -56.24 -23.50
C ASP E 217 66.40 -55.96 -24.99
N LYS F 1 3.63 -23.97 -11.06
CA LYS F 1 2.14 -24.00 -11.02
C LYS F 1 1.51 -23.13 -12.10
N VAL F 2 0.44 -23.64 -12.72
CA VAL F 2 -0.28 -22.90 -13.74
C VAL F 2 -1.63 -22.54 -13.15
N PHE F 3 -1.77 -21.30 -12.70
CA PHE F 3 -3.00 -20.81 -12.11
C PHE F 3 -4.15 -20.78 -13.10
N GLY F 4 -5.36 -20.96 -12.59
CA GLY F 4 -6.53 -20.85 -13.43
C GLY F 4 -6.82 -19.36 -13.37
N ARG F 5 -7.57 -18.83 -14.32
CA ARG F 5 -7.88 -17.41 -14.35
C ARG F 5 -8.51 -16.91 -13.05
N CYS F 6 -9.64 -17.49 -12.70
CA CYS F 6 -10.35 -17.10 -11.48
C CYS F 6 -9.54 -17.39 -10.23
N GLU F 7 -8.83 -18.52 -10.23
CA GLU F 7 -8.01 -18.87 -9.07
C GLU F 7 -7.03 -17.73 -8.78
N LEU F 8 -6.39 -17.23 -9.84
CA LEU F 8 -5.42 -16.14 -9.73
C LEU F 8 -6.09 -14.83 -9.30
N ALA F 9 -7.24 -14.52 -9.90
CA ALA F 9 -7.94 -13.30 -9.54
C ALA F 9 -8.20 -13.30 -8.05
N ALA F 10 -8.66 -14.45 -7.54
CA ALA F 10 -8.97 -14.60 -6.12
C ALA F 10 -7.74 -14.39 -5.27
N ALA F 11 -6.64 -15.03 -5.65
CA ALA F 11 -5.39 -14.92 -4.91
C ALA F 11 -4.91 -13.47 -4.90
N MET F 12 -4.96 -12.81 -6.05
CA MET F 12 -4.52 -11.42 -6.16
C MET F 12 -5.38 -10.47 -5.34
N LYS F 13 -6.70 -10.70 -5.36
CA LYS F 13 -7.59 -9.85 -4.58
C LYS F 13 -7.25 -10.03 -3.10
N ARG F 14 -7.06 -11.29 -2.73
CA ARG F 14 -6.71 -11.64 -1.36
C ARG F 14 -5.39 -10.95 -0.98
N HIS F 15 -4.52 -10.71 -1.97
CA HIS F 15 -3.25 -10.07 -1.70
C HIS F 15 -3.22 -8.56 -1.88
N GLY F 16 -4.40 -7.95 -1.97
CA GLY F 16 -4.48 -6.50 -2.07
C GLY F 16 -4.36 -5.86 -3.44
N LEU F 17 -4.31 -6.65 -4.51
CA LEU F 17 -4.17 -6.07 -5.85
C LEU F 17 -5.47 -5.51 -6.42
N ASP F 18 -6.58 -5.70 -5.71
CA ASP F 18 -7.85 -5.15 -6.19
C ASP F 18 -7.77 -3.63 -6.04
N ASN F 19 -7.55 -2.94 -7.16
CA ASN F 19 -7.44 -1.49 -7.20
C ASN F 19 -6.21 -0.95 -6.46
N TYR F 20 -5.09 -1.63 -6.62
CA TYR F 20 -3.86 -1.20 -5.98
C TYR F 20 -3.28 -0.05 -6.81
N ARG F 21 -3.14 1.11 -6.18
CA ARG F 21 -2.63 2.31 -6.83
C ARG F 21 -3.46 2.66 -8.05
N GLY F 22 -4.78 2.53 -7.91
CA GLY F 22 -5.69 2.87 -9.00
C GLY F 22 -5.93 1.83 -10.08
N TYR F 23 -5.24 0.69 -10.00
CA TYR F 23 -5.39 -0.35 -11.00
C TYR F 23 -6.33 -1.47 -10.55
N SER F 24 -7.49 -1.55 -11.20
CA SER F 24 -8.49 -2.57 -10.87
C SER F 24 -7.89 -3.98 -11.02
N LEU F 25 -8.48 -4.93 -10.30
CA LEU F 25 -8.01 -6.32 -10.31
C LEU F 25 -7.80 -6.91 -11.70
N GLY F 26 -8.67 -6.55 -12.65
CA GLY F 26 -8.57 -7.07 -14.01
C GLY F 26 -7.24 -6.79 -14.68
N ASN F 27 -6.69 -5.62 -14.41
CA ASN F 27 -5.40 -5.25 -14.99
C ASN F 27 -4.29 -6.21 -14.58
N TRP F 28 -4.31 -6.61 -13.31
CA TRP F 28 -3.29 -7.51 -12.79
C TRP F 28 -3.44 -8.90 -13.37
N VAL F 29 -4.67 -9.39 -13.44
CA VAL F 29 -4.92 -10.72 -14.01
C VAL F 29 -4.48 -10.70 -15.46
N CYS F 30 -4.92 -9.69 -16.21
CA CYS F 30 -4.58 -9.55 -17.61
C CYS F 30 -3.05 -9.47 -17.77
N ALA F 31 -2.40 -8.70 -16.90
CA ALA F 31 -0.94 -8.57 -16.95
C ALA F 31 -0.27 -9.92 -16.76
N ALA F 32 -0.76 -10.69 -15.80
CA ALA F 32 -0.20 -12.02 -15.53
C ALA F 32 -0.36 -12.90 -16.75
N LYS F 33 -1.52 -12.82 -17.39
CA LYS F 33 -1.79 -13.62 -18.57
C LYS F 33 -0.78 -13.41 -19.68
N PHE F 34 -0.55 -12.15 -20.05
CA PHE F 34 0.38 -11.88 -21.15
C PHE F 34 1.85 -11.84 -20.78
N GLU F 35 2.16 -11.81 -19.49
CA GLU F 35 3.55 -11.80 -19.06
C GLU F 35 4.04 -13.24 -18.87
N SER F 36 3.25 -14.05 -18.18
CA SER F 36 3.64 -15.43 -17.88
C SER F 36 2.62 -16.48 -18.26
N ASN F 37 1.46 -16.03 -18.73
CA ASN F 37 0.39 -16.94 -19.07
C ASN F 37 -0.02 -17.77 -17.85
N PHE F 38 0.06 -17.16 -16.67
CA PHE F 38 -0.34 -17.78 -15.41
C PHE F 38 0.60 -18.87 -14.87
N ASN F 39 1.83 -18.91 -15.37
CA ASN F 39 2.81 -19.90 -14.95
C ASN F 39 3.77 -19.31 -13.91
N THR F 40 3.61 -19.74 -12.65
CA THR F 40 4.46 -19.24 -11.56
C THR F 40 5.95 -19.50 -11.78
N GLN F 41 6.28 -20.48 -12.62
CA GLN F 41 7.68 -20.82 -12.87
C GLN F 41 8.27 -20.26 -14.17
N ALA F 42 7.50 -19.46 -14.89
CA ALA F 42 7.98 -18.89 -16.14
C ALA F 42 9.22 -18.03 -15.95
N THR F 43 10.16 -18.13 -16.88
CA THR F 43 11.38 -17.33 -16.87
C THR F 43 11.67 -16.93 -18.31
N ASN F 44 12.14 -15.69 -18.50
CA ASN F 44 12.48 -15.19 -19.82
C ASN F 44 13.85 -14.53 -19.79
N ARG F 45 14.68 -14.88 -20.76
CA ARG F 45 16.03 -14.33 -20.84
C ARG F 45 16.13 -13.17 -21.81
N ASN F 46 16.83 -12.11 -21.38
CA ASN F 46 16.98 -10.94 -22.20
C ASN F 46 18.33 -10.88 -22.92
N THR F 47 18.71 -9.69 -23.38
CA THR F 47 19.96 -9.53 -24.10
C THR F 47 20.93 -8.66 -23.33
N ASP F 48 20.55 -8.34 -22.09
CA ASP F 48 21.38 -7.51 -21.24
C ASP F 48 21.91 -8.29 -20.03
N GLY F 49 21.89 -9.61 -20.14
CA GLY F 49 22.36 -10.48 -19.07
C GLY F 49 21.34 -10.62 -17.96
N SER F 50 20.15 -10.07 -18.18
CA SER F 50 19.08 -10.11 -17.19
C SER F 50 18.04 -11.21 -17.48
N THR F 51 17.33 -11.62 -16.43
CA THR F 51 16.30 -12.64 -16.56
C THR F 51 15.02 -12.17 -15.87
N ASP F 52 13.86 -12.48 -16.46
CA ASP F 52 12.57 -12.12 -15.88
C ASP F 52 12.05 -13.37 -15.17
N TYR F 53 11.57 -13.18 -13.94
CA TYR F 53 11.12 -14.30 -13.12
C TYR F 53 9.67 -14.34 -12.68
N GLY F 54 9.04 -15.50 -12.86
CA GLY F 54 7.68 -15.69 -12.36
C GLY F 54 6.42 -15.18 -13.03
N ILE F 55 5.34 -15.30 -12.24
CA ILE F 55 3.99 -14.92 -12.63
C ILE F 55 3.90 -13.52 -13.24
N LEU F 56 4.69 -12.59 -12.72
CA LEU F 56 4.67 -11.23 -13.22
C LEU F 56 5.99 -10.81 -13.87
N GLN F 57 6.79 -11.80 -14.23
CA GLN F 57 8.07 -11.58 -14.91
C GLN F 57 8.92 -10.42 -14.36
N ILE F 58 9.24 -10.50 -13.08
CA ILE F 58 10.07 -9.48 -12.43
C ILE F 58 11.52 -9.64 -12.90
N ASN F 59 12.14 -8.52 -13.32
CA ASN F 59 13.50 -8.50 -13.84
C ASN F 59 14.63 -8.57 -12.79
N SER F 60 15.72 -9.24 -13.14
CA SER F 60 16.85 -9.42 -12.21
C SER F 60 17.83 -8.26 -12.14
N ARG F 61 17.60 -7.20 -12.91
CA ARG F 61 18.53 -6.07 -12.89
C ARG F 61 18.26 -5.11 -11.73
N TRP F 62 17.02 -4.68 -11.59
CA TRP F 62 16.68 -3.73 -10.55
C TRP F 62 15.97 -4.31 -9.34
N TRP F 63 15.15 -5.31 -9.59
CA TRP F 63 14.29 -5.89 -8.58
C TRP F 63 14.69 -7.07 -7.70
N CYS F 64 15.26 -8.12 -8.29
CA CYS F 64 15.65 -9.26 -7.47
C CYS F 64 17.06 -9.74 -7.78
N ASN F 65 17.62 -10.53 -6.87
CA ASN F 65 18.97 -11.03 -7.05
C ASN F 65 19.10 -12.47 -7.53
N ASP F 66 19.80 -12.65 -8.65
CA ASP F 66 20.06 -13.97 -9.17
C ASP F 66 21.58 -14.14 -9.31
N GLY F 67 22.30 -13.14 -8.81
CA GLY F 67 23.76 -13.15 -8.82
C GLY F 67 24.54 -13.18 -10.14
N ARG F 68 23.87 -13.05 -11.27
CA ARG F 68 24.55 -13.08 -12.56
C ARG F 68 24.20 -11.90 -13.46
N THR F 69 23.51 -10.91 -12.90
CA THR F 69 23.08 -9.74 -13.67
C THR F 69 23.86 -8.47 -13.39
N PRO F 70 24.50 -7.88 -14.41
CA PRO F 70 25.26 -6.65 -14.20
C PRO F 70 24.36 -5.47 -13.86
N GLY F 71 24.85 -4.58 -13.00
CA GLY F 71 24.08 -3.41 -12.59
C GLY F 71 22.90 -3.73 -11.69
N SER F 72 22.97 -4.84 -10.98
CA SER F 72 21.87 -5.25 -10.11
C SER F 72 21.69 -4.34 -8.90
N ARG F 73 20.44 -4.14 -8.51
CA ARG F 73 20.12 -3.29 -7.37
C ARG F 73 19.29 -4.02 -6.32
N ASN F 74 18.69 -5.14 -6.72
CA ASN F 74 17.88 -5.96 -5.81
C ASN F 74 17.00 -5.08 -4.91
N LEU F 75 16.23 -4.19 -5.54
CA LEU F 75 15.36 -3.27 -4.84
C LEU F 75 14.24 -3.94 -4.04
N CYS F 76 13.87 -5.15 -4.43
CA CYS F 76 12.84 -5.88 -3.68
C CYS F 76 13.49 -6.73 -2.57
N ASN F 77 14.81 -6.61 -2.46
CA ASN F 77 15.59 -7.33 -1.45
C ASN F 77 15.14 -8.77 -1.33
N ILE F 78 15.32 -9.52 -2.41
CA ILE F 78 14.88 -10.91 -2.41
C ILE F 78 15.49 -11.67 -3.56
N PRO F 79 15.80 -12.96 -3.35
CA PRO F 79 16.37 -13.77 -4.42
C PRO F 79 15.29 -13.94 -5.48
N CYS F 80 15.68 -13.93 -6.75
CA CYS F 80 14.74 -14.10 -7.84
C CYS F 80 14.11 -15.49 -7.79
N SER F 81 14.83 -16.47 -7.23
CA SER F 81 14.24 -17.80 -7.18
C SER F 81 12.98 -17.82 -6.32
N ALA F 82 12.92 -16.96 -5.29
CA ALA F 82 11.75 -16.90 -4.44
C ALA F 82 10.55 -16.37 -5.24
N LEU F 83 10.81 -15.67 -6.32
CA LEU F 83 9.73 -15.15 -7.14
C LEU F 83 9.15 -16.25 -8.03
N LEU F 84 9.67 -17.46 -7.89
CA LEU F 84 9.18 -18.61 -8.65
C LEU F 84 8.35 -19.52 -7.75
N SER F 85 7.91 -18.98 -6.62
CA SER F 85 7.11 -19.74 -5.66
C SER F 85 5.73 -20.09 -6.22
N SER F 86 5.11 -21.14 -5.67
CA SER F 86 3.78 -21.55 -6.13
C SER F 86 2.72 -20.59 -5.62
N ASP F 87 2.99 -19.93 -4.50
CA ASP F 87 2.07 -18.95 -3.95
C ASP F 87 2.59 -17.63 -4.53
N ILE F 88 1.74 -16.63 -4.68
CA ILE F 88 2.16 -15.37 -5.30
C ILE F 88 2.63 -14.25 -4.37
N THR F 89 2.67 -14.52 -3.07
CA THR F 89 3.07 -13.53 -2.07
C THR F 89 4.32 -12.72 -2.44
N ALA F 90 5.42 -13.41 -2.72
CA ALA F 90 6.67 -12.71 -3.05
C ALA F 90 6.57 -11.84 -4.31
N SER F 91 5.96 -12.38 -5.37
CA SER F 91 5.82 -11.61 -6.61
C SER F 91 4.90 -10.42 -6.44
N VAL F 92 3.85 -10.59 -5.64
CA VAL F 92 2.92 -9.50 -5.39
C VAL F 92 3.60 -8.39 -4.59
N ASN F 93 4.27 -8.75 -3.49
CA ASN F 93 4.93 -7.73 -2.69
C ASN F 93 5.93 -6.91 -3.51
N CYS F 94 6.65 -7.58 -4.42
CA CYS F 94 7.64 -6.90 -5.24
C CYS F 94 6.93 -6.05 -6.31
N ALA F 95 5.92 -6.62 -6.96
CA ALA F 95 5.17 -5.87 -7.98
C ALA F 95 4.59 -4.58 -7.40
N LYS F 96 4.18 -4.63 -6.13
CA LYS F 96 3.63 -3.43 -5.50
C LYS F 96 4.69 -2.33 -5.46
N LYS F 97 5.95 -2.72 -5.32
CA LYS F 97 7.02 -1.74 -5.29
C LYS F 97 7.20 -1.20 -6.72
N ILE F 98 7.30 -2.11 -7.68
CA ILE F 98 7.49 -1.73 -9.07
C ILE F 98 6.42 -0.76 -9.57
N VAL F 99 5.15 -1.11 -9.32
CA VAL F 99 4.04 -0.28 -9.77
C VAL F 99 4.05 1.11 -9.11
N SER F 100 4.81 1.23 -8.03
CA SER F 100 4.91 2.50 -7.32
C SER F 100 6.17 3.30 -7.71
N ASP F 101 7.01 2.73 -8.57
CA ASP F 101 8.25 3.39 -8.96
C ASP F 101 8.13 4.64 -9.83
N GLY F 102 6.95 4.90 -10.39
CA GLY F 102 6.78 6.12 -11.18
C GLY F 102 6.19 5.98 -12.58
N ASN F 103 6.02 4.74 -13.04
CA ASN F 103 5.50 4.46 -14.37
C ASN F 103 4.20 3.64 -14.30
N GLY F 104 3.70 3.42 -13.08
CA GLY F 104 2.49 2.64 -12.93
C GLY F 104 2.69 1.24 -13.49
N MET F 105 1.67 0.72 -14.15
CA MET F 105 1.77 -0.62 -14.71
C MET F 105 2.50 -0.65 -16.06
N ASN F 106 2.86 0.52 -16.57
CA ASN F 106 3.58 0.57 -17.84
C ASN F 106 4.93 -0.16 -17.75
N ALA F 107 5.37 -0.43 -16.52
CA ALA F 107 6.62 -1.14 -16.29
C ALA F 107 6.51 -2.55 -16.88
N TRP F 108 5.27 -2.99 -17.12
CA TRP F 108 5.00 -4.30 -17.70
C TRP F 108 4.60 -4.08 -19.16
N VAL F 109 5.57 -4.20 -20.06
CA VAL F 109 5.33 -3.98 -21.48
C VAL F 109 4.18 -4.83 -22.05
N ALA F 110 4.03 -6.06 -21.56
CA ALA F 110 2.95 -6.91 -22.05
C ALA F 110 1.63 -6.27 -21.65
N TRP F 111 1.57 -5.74 -20.44
CA TRP F 111 0.36 -5.08 -19.96
C TRP F 111 0.03 -3.89 -20.85
N ARG F 112 1.04 -3.09 -21.14
CA ARG F 112 0.85 -1.93 -21.98
C ARG F 112 0.41 -2.34 -23.38
N ASN F 113 1.02 -3.38 -23.91
CA ASN F 113 0.68 -3.85 -25.25
C ASN F 113 -0.71 -4.49 -25.37
N ARG F 114 -1.05 -5.38 -24.44
CA ARG F 114 -2.34 -6.09 -24.56
C ARG F 114 -3.42 -5.87 -23.52
N CYS F 115 -3.16 -5.09 -22.48
CA CYS F 115 -4.17 -4.87 -21.45
C CYS F 115 -4.63 -3.43 -21.33
N LYS F 116 -3.67 -2.52 -21.34
CA LYS F 116 -3.96 -1.11 -21.21
C LYS F 116 -4.99 -0.63 -22.23
N GLY F 117 -6.02 0.05 -21.75
CA GLY F 117 -7.05 0.57 -22.64
C GLY F 117 -8.06 -0.42 -23.15
N THR F 118 -8.05 -1.64 -22.62
CA THR F 118 -9.02 -2.63 -23.06
C THR F 118 -9.99 -2.89 -21.92
N ASP F 119 -10.93 -3.80 -22.12
CA ASP F 119 -11.91 -4.12 -21.08
C ASP F 119 -11.31 -5.16 -20.15
N VAL F 120 -10.34 -4.73 -19.34
CA VAL F 120 -9.67 -5.63 -18.41
C VAL F 120 -10.64 -6.29 -17.42
N GLN F 121 -11.82 -5.71 -17.28
CA GLN F 121 -12.83 -6.24 -16.37
C GLN F 121 -13.16 -7.69 -16.77
N ALA F 122 -13.18 -7.91 -18.07
CA ALA F 122 -13.49 -9.22 -18.63
C ALA F 122 -12.66 -10.33 -18.01
N TRP F 123 -11.44 -10.01 -17.58
CA TRP F 123 -10.57 -11.03 -17.00
C TRP F 123 -11.05 -11.59 -15.67
N ILE F 124 -11.98 -10.92 -15.00
CA ILE F 124 -12.48 -11.43 -13.73
C ILE F 124 -13.96 -11.84 -13.77
N ARG F 125 -14.57 -11.77 -14.95
CA ARG F 125 -15.98 -12.14 -15.08
C ARG F 125 -16.14 -13.63 -14.78
N GLY F 126 -17.26 -14.00 -14.19
CA GLY F 126 -17.51 -15.39 -13.88
C GLY F 126 -16.82 -15.87 -12.62
N CYS F 127 -15.91 -15.06 -12.09
CA CYS F 127 -15.18 -15.44 -10.89
C CYS F 127 -15.99 -15.06 -9.63
N ARG F 128 -16.86 -14.06 -9.78
CA ARG F 128 -17.73 -13.58 -8.70
C ARG F 128 -17.06 -13.45 -7.33
N LEU F 129 -15.74 -13.59 -7.28
CA LEU F 129 -15.00 -13.49 -6.03
C LEU F 129 -15.45 -12.31 -5.18
#